data_2BTO
#
_entry.id   2BTO
#
_cell.length_a   180.539
_cell.length_b   180.539
_cell.length_c   84.229
_cell.angle_alpha   90.00
_cell.angle_beta   90.00
_cell.angle_gamma   120.00
#
_symmetry.space_group_name_H-M   'P 3 2 1'
#
loop_
_entity.id
_entity.type
_entity.pdbx_description
1 polymer 'TUBULIN BTUBA'
2 polymer 'THIOREDOXIN 1'
3 non-polymer "GUANOSINE-5'-TRIPHOSPHATE"
4 water water
#
loop_
_entity_poly.entity_id
_entity_poly.type
_entity_poly.pdbx_seq_one_letter_code
_entity_poly.pdbx_strand_id
1 'polypeptide(L)'
;MKVNNTIVVSIGQAGNQIAASFWKTVCLEHGIDPLTGQTAPGVAPRGNWSSFFSKLGESSSGSYVPRAIMVDLEPSVIDN
VKATSGSLFNPANLISRTEGAGGNFAVGYLGAGREVLPEVMSRLDYEIDKCDNVGGIIVLHAIGGGTGSGFGALLIESLK
EKYGEIPVLSCAVLPSPQVSSVVTEPYNTVFALNTLRRSADACLIFDNEALFDLAHRKWNIESPTVDDLNLLITEALAGI
TASMRFSGFLTVEISLRELLTNLVPQPSLHFLMCAFAPLTPPDRSKFEELGIEEMIKSLFDNGSVFAACSPMEGRFLSTA
VLYRGIMEDKPLADAALAAMREKLPLTYWIPTAFKIGYVEQPGISHRKSMVLLANNTEIARVLDRICHNFDKLWQRKAFA
NWYLNEGMSEEQINVLRASAQELVQSYQVAEESGAKAKVQDSAGDTGMRAAAAGVSDDARGSMSLRDLVDRRR
;
A,B
2 'polypeptide(L)'
;SDKIIHLTDDSFDTDVLKADGAILVDFWAEWCGPCKMIAPILDEIADEYQGKLTVAKLNIDQNPGTAPKYGIRGIPTLLL
FKNGEVAATKVGALSKGQLKEFLDANLA
;
T
#
loop_
_chem_comp.id
_chem_comp.type
_chem_comp.name
_chem_comp.formula
GTP non-polymer GUANOSINE-5'-TRIPHOSPHATE 'C10 H16 N5 O14 P3'
#
# COMPACT_ATOMS: atom_id res chain seq x y z
N VAL A 3 34.04 9.01 5.98
CA VAL A 3 32.74 8.27 5.97
C VAL A 3 32.37 7.82 4.55
N ASN A 4 32.34 6.49 4.32
CA ASN A 4 32.05 5.92 3.01
C ASN A 4 30.58 6.03 2.63
N ASN A 5 30.32 6.29 1.35
CA ASN A 5 28.97 6.49 0.85
C ASN A 5 28.45 5.26 0.13
N THR A 6 27.16 4.99 0.28
CA THR A 6 26.51 3.90 -0.41
C THR A 6 25.31 4.41 -1.17
N ILE A 7 25.20 4.00 -2.43
CA ILE A 7 24.03 4.24 -3.28
C ILE A 7 23.20 2.96 -3.36
N VAL A 8 21.88 3.10 -3.33
CA VAL A 8 20.96 1.98 -3.52
C VAL A 8 20.18 2.19 -4.81
N VAL A 9 20.35 1.27 -5.74
CA VAL A 9 19.64 1.30 -7.01
C VAL A 9 18.64 0.18 -6.94
N SER A 10 17.35 0.49 -6.95
CA SER A 10 16.31 -0.53 -6.95
C SER A 10 15.64 -0.66 -8.32
N ILE A 11 15.35 -1.92 -8.71
CA ILE A 11 14.91 -2.20 -10.07
C ILE A 11 13.69 -3.14 -10.12
N GLY A 12 12.66 -2.69 -10.83
CA GLY A 12 11.46 -3.52 -11.02
C GLY A 12 10.48 -3.49 -9.86
N GLN A 13 9.43 -4.31 -9.95
CA GLN A 13 8.32 -4.27 -8.98
C GLN A 13 8.80 -4.53 -7.54
N ALA A 14 9.32 -5.74 -7.34
CA ALA A 14 9.74 -6.21 -6.04
C ALA A 14 10.77 -5.25 -5.46
N GLY A 15 11.85 -5.06 -6.22
CA GLY A 15 12.92 -4.15 -5.89
C GLY A 15 12.49 -2.80 -5.40
N ASN A 16 11.56 -2.17 -6.11
CA ASN A 16 11.13 -0.85 -5.68
C ASN A 16 10.17 -0.87 -4.49
N GLN A 17 9.39 -1.95 -4.34
CA GLN A 17 8.48 -2.07 -3.21
C GLN A 17 9.29 -2.28 -1.94
N ILE A 18 10.34 -3.10 -2.03
CA ILE A 18 11.25 -3.32 -0.93
C ILE A 18 12.02 -2.04 -0.58
N ALA A 19 12.57 -1.36 -1.60
CA ALA A 19 13.30 -0.11 -1.37
C ALA A 19 12.43 0.88 -0.65
N ALA A 20 11.20 1.06 -1.11
CA ALA A 20 10.29 2.02 -0.49
C ALA A 20 10.20 1.78 1.01
N SER A 21 10.10 0.52 1.40
CA SER A 21 9.98 0.15 2.79
C SER A 21 11.36 0.22 3.49
N PHE A 22 12.43 -0.11 2.76
CA PHE A 22 13.78 0.05 3.27
C PHE A 22 14.06 1.52 3.65
N TRP A 23 13.80 2.42 2.70
CA TRP A 23 14.06 3.83 2.92
C TRP A 23 13.21 4.46 4.03
N LYS A 24 11.92 4.13 4.09
CA LYS A 24 11.10 4.61 5.21
C LYS A 24 11.72 4.21 6.57
N THR A 25 12.17 2.97 6.67
CA THR A 25 12.68 2.44 7.92
C THR A 25 13.98 3.14 8.32
N VAL A 26 14.90 3.20 7.36
CA VAL A 26 16.18 3.83 7.56
C VAL A 26 16.04 5.32 7.93
N CYS A 27 15.07 5.99 7.31
CA CYS A 27 14.70 7.35 7.72
C CYS A 27 14.34 7.39 9.20
N LEU A 28 13.48 6.46 9.63
CA LEU A 28 13.02 6.45 11.01
C LEU A 28 14.16 6.16 11.98
N GLU A 29 15.04 5.25 11.60
CA GLU A 29 16.17 4.92 12.43
C GLU A 29 17.09 6.10 12.64
N HIS A 30 17.25 6.93 11.62
CA HIS A 30 18.12 8.09 11.69
C HIS A 30 17.41 9.32 12.23
N GLY A 31 16.09 9.23 12.44
CA GLY A 31 15.31 10.38 12.92
C GLY A 31 15.02 11.39 11.83
N ILE A 32 15.04 10.93 10.58
CA ILE A 32 14.73 11.74 9.43
C ILE A 32 13.26 11.50 9.05
N ASP A 33 12.52 12.58 8.84
CA ASP A 33 11.12 12.48 8.42
C ASP A 33 11.01 11.94 6.98
N PRO A 34 10.39 10.74 6.81
CA PRO A 34 10.39 10.04 5.51
C PRO A 34 9.52 10.70 4.44
N LEU A 35 8.79 11.76 4.82
CA LEU A 35 7.96 12.49 3.87
C LEU A 35 8.58 13.81 3.41
N THR A 36 9.48 14.38 4.20
CA THR A 36 10.06 15.70 3.88
C THR A 36 11.59 15.69 3.80
N GLY A 37 12.21 14.83 4.61
CA GLY A 37 13.67 14.72 4.63
C GLY A 37 14.27 15.55 5.74
N GLN A 38 13.40 16.18 6.53
CA GLN A 38 13.81 17.08 7.59
C GLN A 38 13.94 16.38 8.93
N THR A 39 14.79 16.93 9.78
CA THR A 39 14.98 16.46 11.16
C THR A 39 14.54 17.57 12.11
N ALA A 40 14.14 17.19 13.34
CA ALA A 40 13.75 18.17 14.37
C ALA A 40 14.66 19.42 14.35
N PRO A 41 14.05 20.62 14.34
CA PRO A 41 14.79 21.88 14.13
C PRO A 41 16.01 22.02 15.04
N GLY A 42 17.15 22.43 14.45
CA GLY A 42 18.40 22.53 15.19
C GLY A 42 19.20 21.24 15.21
N VAL A 43 18.62 20.19 15.80
CA VAL A 43 19.28 18.88 15.93
C VAL A 43 19.48 18.17 14.59
N ALA A 44 20.48 17.28 14.55
CA ALA A 44 20.88 16.54 13.35
C ALA A 44 20.39 15.09 13.39
N PRO A 45 20.45 14.37 12.25
CA PRO A 45 20.12 12.93 12.27
C PRO A 45 21.13 12.07 13.02
N ARG A 46 20.67 10.93 13.51
CA ARG A 46 21.52 10.04 14.32
C ARG A 46 22.56 9.32 13.48
N GLY A 47 23.73 9.07 14.07
CA GLY A 47 24.75 8.24 13.45
C GLY A 47 25.46 8.78 12.21
N ASN A 48 25.94 7.85 11.39
CA ASN A 48 26.66 8.16 10.17
C ASN A 48 25.70 8.31 8.98
N TRP A 49 24.86 9.33 9.06
CA TRP A 49 23.76 9.51 8.11
C TRP A 49 24.22 9.75 6.67
N SER A 50 25.41 10.33 6.52
CA SER A 50 25.89 10.75 5.22
C SER A 50 26.26 9.57 4.34
N SER A 51 26.36 8.39 4.94
CA SER A 51 26.66 7.17 4.19
C SER A 51 25.51 6.82 3.26
N PHE A 52 24.29 7.17 3.66
CA PHE A 52 23.09 6.82 2.88
C PHE A 52 22.25 8.02 2.43
N PHE A 53 22.45 9.16 3.10
CA PHE A 53 21.75 10.38 2.73
C PHE A 53 22.77 11.47 2.36
N SER A 54 22.34 12.44 1.56
CA SER A 54 23.12 13.64 1.32
C SER A 54 22.27 14.88 1.59
N LYS A 55 22.92 15.95 2.05
CA LYS A 55 22.21 17.14 2.54
C LYS A 55 22.07 18.23 1.49
N LEU A 56 20.96 18.97 1.52
CA LEU A 56 20.70 20.05 0.56
C LEU A 56 21.07 21.47 1.00
N GLY A 57 20.33 22.04 1.96
CA GLY A 57 20.52 23.45 2.39
C GLY A 57 21.30 23.66 3.68
N GLU A 58 20.69 24.38 4.63
CA GLU A 58 21.28 24.59 5.97
C GLU A 58 20.32 24.17 7.09
N SER A 59 19.84 25.14 7.88
CA SER A 59 18.82 24.91 8.90
C SER A 59 17.42 25.02 8.29
N GLY A 62 16.99 23.24 5.34
CA GLY A 62 17.78 22.12 4.82
C GLY A 62 17.05 20.78 4.94
N SER A 63 17.51 19.81 4.15
CA SER A 63 16.78 18.56 3.90
C SER A 63 17.76 17.41 3.62
N TYR A 64 17.44 16.20 4.07
CA TYR A 64 18.28 15.04 3.76
C TYR A 64 17.69 14.14 2.67
N VAL A 65 18.49 13.86 1.65
CA VAL A 65 18.03 13.15 0.46
C VAL A 65 18.74 11.80 0.28
N PRO A 66 17.97 10.71 0.24
CA PRO A 66 18.53 9.37 0.07
C PRO A 66 19.39 9.22 -1.18
N ARG A 67 20.48 8.48 -1.05
CA ARG A 67 21.30 8.14 -2.20
C ARG A 67 20.62 6.97 -2.88
N ALA A 68 19.50 7.29 -3.51
CA ALA A 68 18.59 6.28 -4.07
C ALA A 68 18.28 6.56 -5.51
N ILE A 69 18.23 5.50 -6.30
CA ILE A 69 17.75 5.53 -7.69
C ILE A 69 16.79 4.36 -7.84
N MET A 70 15.60 4.64 -8.39
CA MET A 70 14.58 3.64 -8.61
C MET A 70 14.24 3.58 -10.11
N VAL A 71 14.23 2.37 -10.66
CA VAL A 71 14.04 2.13 -12.07
C VAL A 71 12.92 1.09 -12.26
N ASP A 72 12.05 1.32 -13.24
CA ASP A 72 11.10 0.30 -13.65
C ASP A 72 10.70 0.56 -15.09
N LEU A 73 10.25 -0.48 -15.78
CA LEU A 73 9.81 -0.33 -17.16
C LEU A 73 8.29 -0.17 -17.22
N GLU A 74 7.70 -0.03 -16.04
CA GLU A 74 6.25 0.04 -15.88
C GLU A 74 6.08 1.18 -14.86
N PRO A 75 5.03 2.00 -14.96
CA PRO A 75 5.03 3.17 -14.08
C PRO A 75 4.41 3.06 -12.67
N SER A 76 3.64 2.01 -12.39
CA SER A 76 2.74 2.10 -11.23
C SER A 76 3.39 1.96 -9.83
N VAL A 77 4.43 1.14 -9.70
CA VAL A 77 5.14 1.11 -8.43
C VAL A 77 5.87 2.42 -8.11
N ILE A 78 6.65 2.92 -9.06
CA ILE A 78 7.30 4.19 -8.84
C ILE A 78 6.30 5.35 -8.59
N ASP A 79 5.16 5.33 -9.25
CA ASP A 79 4.09 6.29 -8.93
C ASP A 79 3.56 6.13 -7.49
N ASN A 80 3.49 4.89 -6.99
CA ASN A 80 3.05 4.66 -5.60
C ASN A 80 4.04 5.27 -4.64
N VAL A 81 5.34 5.05 -4.89
CA VAL A 81 6.38 5.66 -4.07
C VAL A 81 6.29 7.18 -4.10
N LYS A 82 6.02 7.77 -5.27
CA LYS A 82 5.87 9.23 -5.32
C LYS A 82 4.68 9.71 -4.50
N ALA A 83 3.56 8.98 -4.59
CA ALA A 83 2.35 9.40 -3.88
C ALA A 83 2.57 9.34 -2.37
N THR A 84 3.44 8.44 -1.93
CA THR A 84 3.51 8.09 -0.52
C THR A 84 4.82 8.49 0.17
N SER A 85 5.67 9.25 -0.52
CA SER A 85 6.91 9.69 0.11
C SER A 85 7.25 11.19 -0.07
N GLY A 86 6.24 12.01 -0.33
CA GLY A 86 6.38 13.47 -0.30
C GLY A 86 7.54 14.03 -1.11
N SER A 87 8.43 14.76 -0.45
CA SER A 87 9.60 15.34 -1.11
C SER A 87 10.89 14.65 -0.70
N LEU A 88 10.79 13.44 -0.15
CA LEU A 88 11.97 12.67 0.24
C LEU A 88 12.98 12.48 -0.93
N PHE A 89 12.56 11.83 -2.01
CA PHE A 89 13.48 11.39 -3.04
C PHE A 89 13.80 12.49 -4.04
N ASN A 90 14.90 12.31 -4.73
CA ASN A 90 15.27 13.19 -5.82
C ASN A 90 14.44 12.82 -7.07
N PRO A 91 13.55 13.74 -7.52
CA PRO A 91 12.68 13.41 -8.65
C PRO A 91 13.44 12.90 -9.89
N ALA A 92 14.65 13.38 -10.12
CA ALA A 92 15.44 12.98 -11.29
C ALA A 92 15.94 11.53 -11.21
N ASN A 93 15.84 10.94 -10.01
CA ASN A 93 16.33 9.59 -9.75
C ASN A 93 15.24 8.52 -9.70
N LEU A 94 14.01 8.91 -10.04
CA LEU A 94 12.92 7.96 -10.12
C LEU A 94 12.54 7.81 -11.58
N ILE A 95 12.98 6.71 -12.19
CA ILE A 95 12.92 6.54 -13.65
C ILE A 95 11.95 5.40 -14.02
N SER A 96 10.94 5.69 -14.83
CA SER A 96 10.00 4.66 -15.26
C SER A 96 9.64 4.78 -16.74
N ARG A 97 9.28 3.64 -17.35
CA ARG A 97 8.72 3.63 -18.70
C ARG A 97 7.30 3.05 -18.56
N THR A 98 6.66 2.71 -19.67
CA THR A 98 5.22 2.42 -19.66
C THR A 98 4.80 0.93 -19.77
N GLU A 99 5.50 0.15 -20.60
CA GLU A 99 4.92 -1.11 -21.06
C GLU A 99 5.32 -2.37 -20.28
N GLY A 100 6.27 -2.25 -19.35
CA GLY A 100 6.79 -3.38 -18.59
C GLY A 100 7.69 -4.27 -19.43
N ALA A 101 8.21 -5.33 -18.84
CA ALA A 101 9.09 -6.26 -19.55
C ALA A 101 8.42 -7.61 -19.88
N GLY A 102 7.13 -7.69 -19.58
CA GLY A 102 6.34 -8.89 -19.81
C GLY A 102 7.01 -10.16 -19.32
N GLY A 103 7.63 -10.09 -18.15
CA GLY A 103 8.29 -11.23 -17.52
C GLY A 103 9.30 -11.94 -18.39
N ASN A 104 10.10 -11.15 -19.09
CA ASN A 104 11.04 -11.64 -20.08
C ASN A 104 12.42 -11.00 -19.92
N PHE A 105 13.39 -11.76 -19.43
CA PHE A 105 14.76 -11.27 -19.27
C PHE A 105 15.28 -10.46 -20.47
N ALA A 106 14.92 -10.89 -21.68
CA ALA A 106 15.50 -10.34 -22.91
C ALA A 106 15.07 -8.91 -23.20
N VAL A 107 13.82 -8.59 -22.91
CA VAL A 107 13.32 -7.25 -23.05
C VAL A 107 14.12 -6.34 -22.12
N GLY A 108 14.39 -6.82 -20.90
CA GLY A 108 15.14 -6.04 -19.92
C GLY A 108 16.59 -5.79 -20.28
N TYR A 109 17.20 -6.77 -20.95
CA TYR A 109 18.61 -6.76 -21.26
C TYR A 109 18.97 -6.26 -22.69
N LEU A 110 18.11 -6.58 -23.66
CA LEU A 110 18.40 -6.32 -25.06
C LEU A 110 17.45 -5.33 -25.69
N GLY A 111 16.20 -5.31 -25.19
CA GLY A 111 15.13 -4.50 -25.73
C GLY A 111 14.97 -3.20 -24.97
N ALA A 112 13.79 -3.01 -24.38
CA ALA A 112 13.43 -1.74 -23.74
C ALA A 112 14.34 -1.31 -22.60
N GLY A 113 14.93 -2.27 -21.88
CA GLY A 113 15.89 -1.95 -20.82
C GLY A 113 17.15 -1.30 -21.36
N ARG A 114 17.55 -1.69 -22.57
CA ARG A 114 18.69 -1.05 -23.24
C ARG A 114 18.43 0.44 -23.50
N GLU A 115 17.19 0.78 -23.80
CA GLU A 115 16.81 2.16 -24.02
C GLU A 115 16.82 3.08 -22.78
N VAL A 116 16.45 2.57 -21.59
CA VAL A 116 16.58 3.37 -20.36
C VAL A 116 17.98 3.39 -19.77
N LEU A 117 18.83 2.44 -20.18
CA LEU A 117 20.18 2.36 -19.63
C LEU A 117 20.90 3.73 -19.57
N PRO A 118 20.97 4.48 -20.70
CA PRO A 118 21.68 5.75 -20.59
C PRO A 118 21.16 6.71 -19.51
N GLU A 119 19.85 6.88 -19.40
CA GLU A 119 19.32 7.77 -18.38
C GLU A 119 19.73 7.28 -17.00
N VAL A 120 19.59 5.98 -16.78
CA VAL A 120 19.94 5.39 -15.50
C VAL A 120 21.41 5.63 -15.22
N MET A 121 22.27 5.35 -16.21
CA MET A 121 23.71 5.48 -16.01
C MET A 121 24.09 6.93 -15.71
N SER A 122 23.34 7.84 -16.31
CA SER A 122 23.54 9.27 -16.10
C SER A 122 23.30 9.67 -14.66
N ARG A 123 22.24 9.12 -14.07
CA ARG A 123 21.88 9.37 -12.68
C ARG A 123 22.89 8.71 -11.74
N LEU A 124 23.31 7.50 -12.08
CA LEU A 124 24.45 6.93 -11.39
C LEU A 124 25.71 7.80 -11.45
N ASP A 125 26.04 8.31 -12.64
CA ASP A 125 27.21 9.18 -12.80
C ASP A 125 27.10 10.31 -11.80
N TYR A 126 25.91 10.88 -11.69
CA TYR A 126 25.71 12.03 -10.81
C TYR A 126 25.80 11.67 -9.32
N GLU A 127 25.16 10.57 -8.91
CA GLU A 127 25.24 10.14 -7.50
C GLU A 127 26.65 9.68 -7.11
N ILE A 128 27.40 9.11 -8.06
CA ILE A 128 28.78 8.69 -7.78
C ILE A 128 29.72 9.89 -7.62
N ASP A 129 29.54 10.89 -8.48
CA ASP A 129 30.34 12.12 -8.43
C ASP A 129 30.12 12.93 -7.16
N LYS A 130 28.88 13.06 -6.71
CA LYS A 130 28.63 13.86 -5.52
C LYS A 130 29.10 13.20 -4.19
N CYS A 131 29.46 11.91 -4.25
CA CYS A 131 30.07 11.20 -3.12
C CYS A 131 31.49 11.66 -2.87
N ASP A 132 31.78 11.95 -1.60
CA ASP A 132 33.13 12.26 -1.15
C ASP A 132 33.98 11.00 -1.19
N ASN A 133 33.36 9.87 -0.82
CA ASN A 133 34.05 8.61 -0.78
C ASN A 133 33.09 7.47 -1.02
N VAL A 134 32.99 7.04 -2.27
CA VAL A 134 32.03 6.02 -2.63
C VAL A 134 32.52 4.65 -2.17
N GLY A 135 31.72 4.03 -1.31
CA GLY A 135 32.05 2.75 -0.70
C GLY A 135 31.40 1.57 -1.40
N GLY A 136 30.22 1.78 -1.96
CA GLY A 136 29.58 0.71 -2.71
C GLY A 136 28.22 1.07 -3.22
N ILE A 137 27.80 0.33 -4.25
CA ILE A 137 26.45 0.37 -4.78
C ILE A 137 25.77 -0.93 -4.32
N ILE A 138 24.51 -0.82 -3.88
CA ILE A 138 23.65 -1.98 -3.67
C ILE A 138 22.48 -2.01 -4.69
N VAL A 139 22.30 -3.15 -5.34
CA VAL A 139 21.23 -3.33 -6.29
C VAL A 139 20.14 -4.28 -5.72
N LEU A 140 18.95 -3.75 -5.43
CA LEU A 140 17.80 -4.54 -5.05
C LEU A 140 16.91 -4.82 -6.24
N HIS A 141 16.59 -6.09 -6.43
CA HIS A 141 15.83 -6.53 -7.58
C HIS A 141 15.39 -7.98 -7.34
N ALA A 142 14.20 -8.32 -7.85
CA ALA A 142 13.80 -9.72 -7.99
C ALA A 142 14.35 -10.19 -9.32
N ILE A 143 14.68 -11.47 -9.44
CA ILE A 143 15.21 -11.96 -10.70
C ILE A 143 14.30 -12.96 -11.39
N GLY A 144 13.05 -13.04 -10.95
CA GLY A 144 12.09 -13.91 -11.60
C GLY A 144 11.40 -13.28 -12.79
N GLY A 145 11.34 -11.95 -12.82
CA GLY A 145 10.65 -11.19 -13.86
C GLY A 145 11.56 -10.81 -15.00
N GLY A 146 11.21 -9.75 -15.71
CA GLY A 146 12.01 -9.31 -16.85
C GLY A 146 12.83 -8.07 -16.57
N THR A 147 12.35 -7.21 -15.66
CA THR A 147 13.03 -5.94 -15.42
C THR A 147 14.18 -6.08 -14.43
N GLY A 148 13.88 -6.54 -13.22
CA GLY A 148 14.95 -6.76 -12.23
C GLY A 148 16.01 -7.72 -12.70
N SER A 149 15.63 -8.70 -13.53
CA SER A 149 16.60 -9.67 -14.05
C SER A 149 17.35 -9.11 -15.25
N GLY A 150 16.63 -8.66 -16.28
CA GLY A 150 17.25 -8.27 -17.52
C GLY A 150 17.94 -6.93 -17.41
N PHE A 151 17.20 -5.93 -16.95
CA PHE A 151 17.80 -4.63 -16.74
C PHE A 151 18.78 -4.67 -15.58
N GLY A 152 18.44 -5.40 -14.52
CA GLY A 152 19.39 -5.59 -13.43
C GLY A 152 20.73 -6.15 -13.89
N ALA A 153 20.71 -7.21 -14.71
CA ALA A 153 21.95 -7.73 -15.25
C ALA A 153 22.66 -6.69 -16.15
N LEU A 154 21.89 -5.94 -16.93
CA LEU A 154 22.49 -4.94 -17.83
C LEU A 154 23.19 -3.83 -17.06
N LEU A 155 22.52 -3.31 -16.03
CA LEU A 155 23.09 -2.27 -15.20
C LEU A 155 24.34 -2.70 -14.42
N ILE A 156 24.31 -3.92 -13.86
CA ILE A 156 25.46 -4.43 -13.12
C ILE A 156 26.65 -4.45 -14.06
N GLU A 157 26.47 -5.01 -15.25
CA GLU A 157 27.55 -5.12 -16.21
C GLU A 157 28.07 -3.74 -16.57
N SER A 158 27.17 -2.81 -16.87
CA SER A 158 27.56 -1.43 -17.20
C SER A 158 28.37 -0.79 -16.09
N LEU A 159 27.88 -0.95 -14.88
CA LEU A 159 28.51 -0.38 -13.71
C LEU A 159 29.94 -0.88 -13.50
N LYS A 160 30.16 -2.19 -13.67
CA LYS A 160 31.50 -2.75 -13.46
C LYS A 160 32.47 -2.44 -14.59
N GLU A 161 31.93 -2.22 -15.79
CA GLU A 161 32.77 -1.84 -16.93
C GLU A 161 33.30 -0.43 -16.70
N LYS A 162 32.42 0.48 -16.28
CA LYS A 162 32.80 1.88 -16.15
C LYS A 162 33.45 2.23 -14.82
N TYR A 163 32.92 1.68 -13.73
CA TYR A 163 33.49 2.01 -12.42
C TYR A 163 34.47 0.98 -11.86
N GLY A 164 34.07 -0.30 -11.80
CA GLY A 164 35.10 -1.34 -11.70
C GLY A 164 35.74 -1.39 -10.32
N GLU A 165 36.35 -0.28 -9.92
CA GLU A 165 36.81 -0.14 -8.54
C GLU A 165 35.71 -0.01 -7.49
N ILE A 166 34.45 0.08 -7.90
CA ILE A 166 33.35 0.16 -6.93
C ILE A 166 32.68 -1.20 -6.69
N PRO A 167 32.61 -1.63 -5.42
CA PRO A 167 31.95 -2.89 -5.05
C PRO A 167 30.46 -2.88 -5.33
N VAL A 168 29.96 -3.90 -6.02
CA VAL A 168 28.53 -4.05 -6.24
C VAL A 168 27.99 -5.27 -5.51
N LEU A 169 27.05 -5.01 -4.59
CA LEU A 169 26.29 -6.04 -3.92
C LEU A 169 24.90 -6.11 -4.53
N SER A 170 24.57 -7.28 -5.07
CA SER A 170 23.22 -7.57 -5.51
C SER A 170 22.46 -8.22 -4.38
N CYS A 171 21.27 -7.69 -4.09
CA CYS A 171 20.34 -8.33 -3.17
C CYS A 171 19.20 -8.83 -4.02
N ALA A 172 19.25 -10.14 -4.31
CA ALA A 172 18.40 -10.77 -5.31
C ALA A 172 17.29 -11.60 -4.68
N VAL A 173 16.05 -11.27 -5.03
CA VAL A 173 14.87 -12.01 -4.58
C VAL A 173 14.62 -13.13 -5.59
N LEU A 174 14.66 -14.37 -5.14
CA LEU A 174 14.46 -15.53 -6.04
C LEU A 174 13.01 -15.97 -6.05
N PRO A 175 12.53 -16.54 -7.15
CA PRO A 175 11.11 -16.82 -7.17
C PRO A 175 10.78 -18.16 -6.54
N SER A 176 9.66 -18.21 -5.85
CA SER A 176 9.21 -19.50 -5.34
C SER A 176 8.59 -20.32 -6.48
N PRO A 177 8.71 -21.66 -6.43
CA PRO A 177 8.08 -22.56 -7.41
C PRO A 177 6.58 -22.30 -7.51
N GLN A 178 6.09 -22.15 -8.74
CA GLN A 178 4.66 -21.98 -8.98
C GLN A 178 4.04 -23.34 -9.25
N VAL A 179 2.91 -23.60 -8.61
CA VAL A 179 2.19 -24.87 -8.81
C VAL A 179 0.88 -24.66 -9.60
N SER A 180 0.28 -23.48 -9.45
CA SER A 180 -0.89 -23.05 -10.25
C SER A 180 -0.56 -22.80 -11.73
N SER A 181 0.71 -22.62 -12.06
CA SER A 181 1.07 -22.24 -13.43
C SER A 181 2.48 -22.59 -13.86
N VAL A 182 2.67 -22.60 -15.17
CA VAL A 182 3.98 -22.80 -15.76
C VAL A 182 4.42 -21.43 -16.29
N VAL A 183 5.53 -20.94 -15.76
CA VAL A 183 5.96 -19.56 -15.93
C VAL A 183 7.38 -19.45 -16.47
N THR A 184 7.75 -18.27 -16.94
CA THR A 184 9.05 -18.08 -17.57
C THR A 184 10.16 -17.87 -16.54
N GLU A 185 9.76 -17.64 -15.29
CA GLU A 185 10.65 -17.30 -14.18
C GLU A 185 11.98 -18.05 -14.06
N PRO A 186 11.98 -19.39 -14.21
CA PRO A 186 13.27 -20.08 -14.18
C PRO A 186 14.28 -19.60 -15.22
N TYR A 187 13.82 -19.32 -16.45
CA TYR A 187 14.72 -18.83 -17.49
C TYR A 187 15.36 -17.51 -17.06
N ASN A 188 14.52 -16.59 -16.60
CA ASN A 188 14.94 -15.25 -16.19
C ASN A 188 15.98 -15.30 -15.08
N THR A 189 15.69 -16.14 -14.07
CA THR A 189 16.56 -16.33 -12.92
C THR A 189 17.94 -16.85 -13.34
N VAL A 190 17.97 -17.94 -14.09
CA VAL A 190 19.24 -18.45 -14.64
C VAL A 190 19.95 -17.38 -15.49
N PHE A 191 19.20 -16.65 -16.31
CA PHE A 191 19.89 -15.66 -17.14
C PHE A 191 20.55 -14.58 -16.29
N ALA A 192 19.85 -14.12 -15.26
CA ALA A 192 20.37 -13.13 -14.33
C ALA A 192 21.56 -13.67 -13.51
N LEU A 193 21.47 -14.95 -13.12
CA LEU A 193 22.50 -15.58 -12.30
C LEU A 193 23.88 -15.50 -12.95
N ASN A 194 23.91 -15.57 -14.28
CA ASN A 194 25.18 -15.52 -15.00
C ASN A 194 25.90 -14.21 -14.73
N THR A 195 25.17 -13.12 -14.77
CA THR A 195 25.72 -11.81 -14.48
C THR A 195 26.11 -11.69 -13.02
N LEU A 196 25.24 -12.18 -12.13
CA LEU A 196 25.46 -12.07 -10.69
C LEU A 196 26.73 -12.79 -10.34
N ARG A 197 27.01 -13.82 -11.14
CA ARG A 197 28.13 -14.68 -10.92
C ARG A 197 29.43 -14.08 -11.47
N ARG A 198 29.36 -13.44 -12.63
CA ARG A 198 30.58 -12.98 -13.30
C ARG A 198 30.90 -11.51 -13.02
N SER A 199 29.89 -10.71 -12.72
CA SER A 199 30.10 -9.25 -12.62
C SER A 199 29.90 -8.66 -11.22
N ALA A 200 28.87 -9.09 -10.50
CA ALA A 200 28.62 -8.60 -9.13
C ALA A 200 29.76 -9.07 -8.21
N ASP A 201 30.05 -8.29 -7.17
CA ASP A 201 31.15 -8.64 -6.27
C ASP A 201 30.65 -9.59 -5.20
N ALA A 202 29.34 -9.50 -4.92
CA ALA A 202 28.65 -10.44 -4.07
C ALA A 202 27.17 -10.36 -4.40
N CYS A 203 26.50 -11.47 -4.13
CA CYS A 203 25.06 -11.56 -4.28
C CYS A 203 24.45 -12.20 -3.04
N LEU A 204 23.62 -11.42 -2.35
CA LEU A 204 22.82 -11.86 -1.20
C LEU A 204 21.46 -12.30 -1.69
N ILE A 205 21.17 -13.57 -1.54
CA ILE A 205 19.93 -14.17 -1.98
C ILE A 205 18.79 -14.05 -0.95
N PHE A 206 17.56 -13.89 -1.43
CA PHE A 206 16.34 -13.90 -0.62
C PHE A 206 15.35 -14.82 -1.33
N ASP A 207 15.16 -16.02 -0.80
CA ASP A 207 14.37 -17.04 -1.48
C ASP A 207 12.93 -16.81 -1.07
N ASN A 208 12.06 -16.49 -2.04
CA ASN A 208 10.64 -16.27 -1.74
C ASN A 208 9.96 -17.45 -1.04
N GLU A 209 10.42 -18.66 -1.33
CA GLU A 209 9.84 -19.85 -0.71
C GLU A 209 10.11 -19.89 0.79
N ALA A 210 11.34 -19.58 1.19
CA ALA A 210 11.66 -19.55 2.61
C ALA A 210 10.96 -18.42 3.35
N LEU A 211 10.87 -17.24 2.71
CA LEU A 211 10.24 -16.09 3.33
C LEU A 211 8.74 -16.34 3.59
N PHE A 212 8.09 -17.00 2.64
CA PHE A 212 6.69 -17.38 2.79
C PHE A 212 6.54 -18.28 4.03
N ASP A 213 7.36 -19.32 4.05
CA ASP A 213 7.41 -20.25 5.16
C ASP A 213 7.67 -19.58 6.52
N LEU A 214 8.62 -18.65 6.55
CA LEU A 214 8.92 -17.92 7.76
C LEU A 214 7.75 -17.06 8.21
N ALA A 215 7.05 -16.46 7.24
CA ALA A 215 5.86 -15.69 7.54
C ALA A 215 4.71 -16.59 8.04
N HIS A 216 4.63 -17.80 7.47
CA HIS A 216 3.54 -18.72 7.76
C HIS A 216 3.80 -19.47 9.05
N ARG A 217 5.05 -19.90 9.26
CA ARG A 217 5.39 -20.75 10.40
C ARG A 217 5.85 -19.98 11.63
N LYS A 218 6.60 -18.89 11.44
CA LYS A 218 7.18 -18.20 12.59
C LYS A 218 6.42 -16.92 12.92
N TRP A 219 5.96 -16.20 11.90
CA TRP A 219 5.15 -15.01 12.13
C TRP A 219 3.67 -15.35 12.33
N ASN A 220 3.31 -16.59 11.99
CA ASN A 220 1.94 -17.09 12.18
C ASN A 220 0.83 -16.55 11.27
N ILE A 221 1.19 -15.96 10.13
CA ILE A 221 0.21 -15.51 9.15
C ILE A 221 -0.29 -16.73 8.39
N GLU A 222 -1.58 -17.02 8.47
CA GLU A 222 -2.19 -18.10 7.68
C GLU A 222 -1.77 -18.03 6.21
N SER A 223 -2.00 -16.89 5.55
CA SER A 223 -1.55 -16.75 4.17
C SER A 223 -0.84 -15.41 3.89
N PRO A 224 0.50 -15.40 4.03
CA PRO A 224 1.38 -14.26 3.89
C PRO A 224 1.10 -13.44 2.65
N THR A 225 1.25 -12.12 2.80
CA THR A 225 1.13 -11.19 1.72
C THR A 225 2.55 -10.85 1.22
N VAL A 226 2.63 -10.32 0.00
CA VAL A 226 3.92 -9.85 -0.51
C VAL A 226 4.50 -8.80 0.46
N ASP A 227 3.61 -8.00 1.03
CA ASP A 227 3.98 -7.04 2.04
C ASP A 227 4.62 -7.68 3.31
N ASP A 228 4.16 -8.87 3.71
CA ASP A 228 4.82 -9.61 4.79
C ASP A 228 6.24 -10.04 4.39
N LEU A 229 6.38 -10.56 3.17
CA LEU A 229 7.70 -10.98 2.69
C LEU A 229 8.67 -9.81 2.63
N ASN A 230 8.20 -8.65 2.22
CA ASN A 230 9.03 -7.45 2.11
C ASN A 230 9.50 -6.93 3.46
N LEU A 231 8.63 -7.06 4.45
CA LEU A 231 9.01 -6.65 5.79
C LEU A 231 10.12 -7.53 6.36
N LEU A 232 10.07 -8.84 6.07
CA LEU A 232 11.18 -9.73 6.42
C LEU A 232 12.47 -9.22 5.79
N ILE A 233 12.42 -8.96 4.48
CA ILE A 233 13.60 -8.46 3.77
C ILE A 233 14.09 -7.12 4.32
N THR A 234 13.16 -6.18 4.51
CA THR A 234 13.47 -4.86 5.03
C THR A 234 14.29 -4.93 6.31
N GLU A 235 13.86 -5.78 7.24
CA GLU A 235 14.53 -5.80 8.54
C GLU A 235 15.91 -6.44 8.44
N ALA A 236 16.06 -7.42 7.56
CA ALA A 236 17.38 -7.99 7.32
C ALA A 236 18.29 -6.92 6.71
N LEU A 237 17.78 -6.21 5.70
CA LEU A 237 18.51 -5.16 5.02
C LEU A 237 18.85 -4.00 5.95
N ALA A 238 17.88 -3.60 6.76
CA ALA A 238 18.13 -2.59 7.81
C ALA A 238 19.27 -3.05 8.71
N GLY A 239 19.30 -4.34 9.01
CA GLY A 239 20.33 -4.93 9.87
C GLY A 239 21.70 -4.97 9.21
N ILE A 240 21.76 -5.39 7.95
CA ILE A 240 23.03 -5.49 7.24
C ILE A 240 23.66 -4.11 7.15
N THR A 241 22.85 -3.14 6.77
CA THR A 241 23.31 -1.78 6.54
C THR A 241 23.57 -1.02 7.84
N ALA A 242 22.99 -1.49 8.94
CA ALA A 242 23.20 -0.86 10.25
C ALA A 242 24.69 -0.69 10.58
N SER A 243 25.48 -1.71 10.28
CA SER A 243 26.93 -1.66 10.47
C SER A 243 27.60 -0.53 9.70
N MET A 244 26.95 -0.07 8.63
CA MET A 244 27.49 1.01 7.80
C MET A 244 26.90 2.39 8.15
N ARG A 245 25.80 2.39 8.92
CA ARG A 245 25.08 3.63 9.20
C ARG A 245 25.31 4.21 10.61
N PHE A 246 26.06 3.48 11.45
CA PHE A 246 26.23 3.87 12.87
C PHE A 246 27.63 3.62 13.43
N GLU A 253 32.25 2.64 12.18
CA GLU A 253 31.53 2.42 10.93
C GLU A 253 32.35 1.54 9.98
N ILE A 254 31.67 0.69 9.21
CA ILE A 254 32.36 -0.14 8.22
C ILE A 254 31.78 0.04 6.82
N SER A 255 32.65 0.04 5.81
CA SER A 255 32.24 0.23 4.43
C SER A 255 31.71 -1.07 3.85
N LEU A 256 31.03 -0.97 2.72
CA LEU A 256 30.52 -2.14 2.02
C LEU A 256 31.67 -3.04 1.56
N ARG A 257 32.79 -2.40 1.21
CA ARG A 257 33.98 -3.10 0.77
C ARG A 257 34.60 -3.95 1.88
N GLU A 258 34.76 -3.36 3.06
CA GLU A 258 35.29 -4.11 4.19
C GLU A 258 34.37 -5.30 4.51
N LEU A 259 33.06 -5.06 4.52
CA LEU A 259 32.10 -6.14 4.74
C LEU A 259 32.19 -7.27 3.71
N LEU A 260 32.34 -6.95 2.43
CA LEU A 260 32.36 -8.01 1.42
C LEU A 260 33.68 -8.75 1.37
N THR A 261 34.75 -8.04 1.73
CA THR A 261 36.10 -8.63 1.80
C THR A 261 36.13 -9.83 2.77
N ASN A 262 35.48 -9.68 3.91
CA ASN A 262 35.49 -10.72 4.94
C ASN A 262 34.54 -11.87 4.63
N LEU A 263 33.52 -11.58 3.83
CA LEU A 263 32.54 -12.59 3.45
C LEU A 263 32.95 -13.41 2.22
N VAL A 264 33.81 -12.85 1.38
CA VAL A 264 34.20 -13.50 0.13
C VAL A 264 35.68 -13.86 0.07
N PRO A 265 35.99 -15.18 0.07
CA PRO A 265 37.38 -15.70 0.00
C PRO A 265 37.93 -15.98 -1.41
N GLN A 266 37.04 -16.22 -2.37
CA GLN A 266 37.39 -16.41 -3.79
C GLN A 266 36.29 -15.74 -4.59
N PRO A 267 36.62 -15.14 -5.75
CA PRO A 267 35.60 -14.42 -6.55
C PRO A 267 34.52 -15.35 -7.14
N SER A 268 34.85 -16.64 -7.25
CA SER A 268 33.90 -17.65 -7.74
C SER A 268 33.00 -18.20 -6.63
N LEU A 269 33.18 -17.72 -5.39
CA LEU A 269 32.31 -18.08 -4.27
C LEU A 269 31.86 -16.82 -3.53
N HIS A 270 30.96 -16.06 -4.19
CA HIS A 270 30.47 -14.80 -3.62
C HIS A 270 28.95 -14.72 -3.41
N PHE A 271 28.31 -15.87 -3.29
CA PHE A 271 26.88 -15.91 -3.00
C PHE A 271 26.62 -16.05 -1.49
N LEU A 272 25.63 -15.31 -1.00
CA LEU A 272 25.35 -15.23 0.42
C LEU A 272 23.90 -15.55 0.79
N MET A 273 23.73 -16.07 2.01
CA MET A 273 22.41 -16.19 2.60
C MET A 273 22.38 -15.40 3.88
N CYS A 274 21.19 -14.99 4.30
CA CYS A 274 21.08 -14.37 5.60
C CYS A 274 20.01 -14.97 6.52
N ALA A 275 20.14 -14.67 7.81
CA ALA A 275 19.13 -15.05 8.80
C ALA A 275 18.91 -13.91 9.80
N PHE A 276 17.76 -13.95 10.47
CA PHE A 276 17.38 -12.88 11.38
C PHE A 276 16.88 -13.43 12.73
N ALA A 277 17.11 -12.68 13.80
CA ALA A 277 16.52 -12.98 15.10
C ALA A 277 16.25 -11.69 15.85
N PRO A 278 15.10 -11.59 16.55
CA PRO A 278 14.07 -12.61 16.73
C PRO A 278 13.03 -12.67 15.61
N LEU A 279 12.58 -13.88 15.30
CA LEU A 279 11.52 -14.09 14.33
C LEU A 279 10.13 -14.22 14.97
N THR A 280 9.91 -13.50 16.07
CA THR A 280 8.65 -13.58 16.80
C THR A 280 7.53 -12.91 16.01
N PRO A 281 6.29 -13.43 16.12
CA PRO A 281 5.15 -12.81 15.42
C PRO A 281 4.97 -11.33 15.80
N PRO A 282 4.51 -10.47 14.86
CA PRO A 282 4.28 -9.07 15.18
C PRO A 282 3.34 -8.82 16.37
N ASP A 283 2.55 -9.83 16.76
CA ASP A 283 1.72 -9.84 18.00
C ASP A 283 2.50 -9.46 19.26
N GLU A 289 10.47 -10.31 25.51
CA GLU A 289 11.84 -10.07 25.08
C GLU A 289 12.77 -11.24 25.44
N LEU A 290 13.57 -11.69 24.46
CA LEU A 290 14.33 -12.96 24.56
C LEU A 290 15.71 -12.86 25.22
N GLY A 291 16.14 -13.96 25.85
CA GLY A 291 17.50 -14.10 26.35
C GLY A 291 18.50 -14.17 25.21
N ILE A 292 19.69 -13.62 25.43
CA ILE A 292 20.74 -13.51 24.40
C ILE A 292 21.23 -14.87 23.87
N GLU A 293 21.41 -15.83 24.77
CA GLU A 293 21.86 -17.18 24.40
C GLU A 293 20.89 -17.88 23.45
N GLU A 294 19.61 -17.61 23.63
CA GLU A 294 18.54 -18.27 22.87
C GLU A 294 18.33 -17.54 21.55
N MET A 295 18.60 -16.23 21.56
CA MET A 295 18.57 -15.43 20.35
C MET A 295 19.64 -15.94 19.37
N ILE A 296 20.87 -16.14 19.88
CA ILE A 296 21.99 -16.67 19.10
C ILE A 296 21.69 -18.07 18.58
N LYS A 297 21.14 -18.91 19.45
CA LYS A 297 20.73 -20.26 19.12
C LYS A 297 19.73 -20.24 17.96
N SER A 298 18.75 -19.34 18.03
CA SER A 298 17.74 -19.18 16.97
C SER A 298 18.33 -18.67 15.67
N LEU A 299 19.14 -17.64 15.75
CA LEU A 299 19.78 -17.05 14.59
C LEU A 299 20.47 -18.10 13.71
N PHE A 300 21.03 -19.13 14.35
CA PHE A 300 21.76 -20.19 13.64
C PHE A 300 20.96 -21.44 13.27
N ASP A 301 19.71 -21.54 13.69
CA ASP A 301 18.87 -22.69 13.35
C ASP A 301 18.55 -22.71 11.85
N ASN A 302 18.46 -23.90 11.27
CA ASN A 302 18.16 -24.09 9.83
C ASN A 302 16.88 -23.42 9.37
N GLY A 303 15.88 -23.40 10.25
CA GLY A 303 14.59 -22.83 9.95
C GLY A 303 14.55 -21.32 10.08
N SER A 304 15.71 -20.70 10.26
CA SER A 304 15.80 -19.25 10.39
C SER A 304 16.34 -18.55 9.14
N VAL A 305 16.91 -19.30 8.20
CA VAL A 305 17.54 -18.67 7.04
C VAL A 305 16.55 -18.24 5.95
N PHE A 306 16.89 -17.14 5.28
CA PHE A 306 16.03 -16.58 4.26
C PHE A 306 16.25 -17.30 2.93
N ALA A 307 16.57 -18.60 3.01
CA ALA A 307 16.73 -19.46 1.84
C ALA A 307 16.19 -20.86 2.20
N ALA A 308 15.67 -21.57 1.20
CA ALA A 308 15.12 -22.91 1.45
C ALA A 308 16.26 -23.94 1.40
N CYS A 309 17.09 -23.92 2.44
CA CYS A 309 18.15 -24.90 2.63
C CYS A 309 18.53 -24.97 4.11
N SER A 310 19.39 -25.93 4.47
CA SER A 310 19.82 -26.12 5.85
C SER A 310 21.33 -25.89 6.03
N PRO A 311 21.73 -24.64 6.36
CA PRO A 311 23.14 -24.23 6.49
C PRO A 311 24.00 -25.15 7.36
N MET A 312 23.38 -25.70 8.40
CA MET A 312 24.07 -26.60 9.32
C MET A 312 24.44 -27.93 8.70
N GLU A 313 23.72 -28.32 7.66
CA GLU A 313 24.05 -29.54 6.91
C GLU A 313 25.06 -29.33 5.76
N GLY A 314 25.44 -28.09 5.51
CA GLY A 314 26.55 -27.81 4.60
C GLY A 314 27.77 -27.29 5.36
N ARG A 315 28.59 -26.49 4.69
CA ARG A 315 29.79 -25.91 5.30
C ARG A 315 29.79 -24.38 5.21
N PHE A 316 30.36 -23.74 6.23
CA PHE A 316 30.50 -22.29 6.25
C PHE A 316 31.88 -21.89 5.73
N LEU A 317 31.90 -21.06 4.69
CA LEU A 317 33.13 -20.46 4.22
C LEU A 317 33.47 -19.28 5.12
N SER A 318 32.45 -18.50 5.47
CA SER A 318 32.63 -17.28 6.24
C SER A 318 31.32 -16.81 6.83
N THR A 319 31.41 -16.06 7.91
CA THR A 319 30.24 -15.66 8.68
C THR A 319 30.43 -14.24 9.21
N ALA A 320 29.33 -13.50 9.24
CA ALA A 320 29.28 -12.22 9.92
C ALA A 320 27.99 -12.14 10.72
N VAL A 321 28.12 -11.88 12.02
CA VAL A 321 26.98 -11.64 12.90
C VAL A 321 26.98 -10.17 13.28
N LEU A 322 25.86 -9.48 13.03
CA LEU A 322 25.74 -8.05 13.35
C LEU A 322 24.62 -7.84 14.35
N TYR A 323 25.00 -7.73 15.63
CA TYR A 323 24.07 -7.53 16.74
C TYR A 323 23.74 -6.07 16.93
N ARG A 324 22.49 -5.82 17.30
CA ARG A 324 21.91 -4.51 17.30
C ARG A 324 21.06 -4.32 18.56
N GLY A 325 21.38 -3.32 19.37
CA GLY A 325 20.56 -2.97 20.53
C GLY A 325 21.30 -2.81 21.84
N ILE A 326 20.64 -3.24 22.93
CA ILE A 326 21.09 -3.01 24.32
C ILE A 326 22.54 -3.43 24.64
N PRO A 331 29.31 -8.88 26.51
CA PRO A 331 29.69 -9.39 27.81
C PRO A 331 29.65 -10.92 27.81
N LEU A 332 28.51 -11.47 28.25
CA LEU A 332 28.12 -12.86 27.98
C LEU A 332 27.82 -13.02 26.49
N ALA A 333 27.57 -11.92 25.79
CA ALA A 333 27.29 -11.97 24.36
C ALA A 333 28.47 -12.57 23.60
N ASP A 334 29.68 -12.29 24.08
CA ASP A 334 30.88 -12.75 23.40
C ASP A 334 31.16 -14.23 23.63
N ALA A 335 30.63 -14.77 24.72
CA ALA A 335 30.83 -16.17 25.07
C ALA A 335 30.01 -17.13 24.21
N ALA A 336 28.73 -16.83 24.03
CA ALA A 336 27.83 -17.69 23.23
C ALA A 336 28.17 -17.67 21.74
N LEU A 337 28.63 -16.53 21.24
CA LEU A 337 29.07 -16.40 19.84
C LEU A 337 30.35 -17.21 19.58
N ALA A 338 31.25 -17.19 20.56
CA ALA A 338 32.46 -18.01 20.54
C ALA A 338 32.11 -19.50 20.53
N ALA A 339 31.19 -19.90 21.40
CA ALA A 339 30.70 -21.28 21.45
C ALA A 339 30.12 -21.71 20.11
N MET A 340 29.30 -20.85 19.50
CA MET A 340 28.72 -21.12 18.19
C MET A 340 29.77 -21.28 17.10
N ARG A 341 30.75 -20.37 17.09
CA ARG A 341 31.85 -20.45 16.13
C ARG A 341 32.40 -21.88 16.04
N GLU A 342 32.68 -22.47 17.18
CA GLU A 342 33.31 -23.79 17.26
C GLU A 342 32.41 -24.97 16.87
N LYS A 343 31.13 -24.70 16.59
CA LYS A 343 30.19 -25.77 16.28
C LYS A 343 29.86 -25.84 14.79
N LEU A 344 30.38 -24.85 14.04
CA LEU A 344 30.07 -24.73 12.62
C LEU A 344 30.93 -25.66 11.78
N PRO A 345 30.31 -26.39 10.82
CA PRO A 345 31.11 -27.17 9.90
C PRO A 345 31.80 -26.21 8.91
N LEU A 346 33.13 -26.34 8.82
CA LEU A 346 33.98 -25.37 8.13
C LEU A 346 34.56 -25.92 6.82
N THR A 347 34.72 -25.07 5.80
CA THR A 347 35.50 -25.42 4.61
C THR A 347 36.99 -25.41 4.96
N TYR A 348 37.69 -26.46 4.59
CA TYR A 348 39.03 -26.68 5.12
C TYR A 348 40.19 -25.92 4.48
N TRP A 349 40.20 -25.76 3.17
CA TRP A 349 41.39 -25.18 2.52
C TRP A 349 41.20 -23.71 2.13
N ILE A 350 39.95 -23.35 1.91
CA ILE A 350 39.51 -21.96 1.76
C ILE A 350 39.66 -21.23 3.11
N PRO A 351 40.19 -20.00 3.08
CA PRO A 351 40.25 -19.18 4.31
C PRO A 351 38.85 -18.85 4.87
N THR A 352 38.70 -18.93 6.18
CA THR A 352 37.42 -18.63 6.86
C THR A 352 37.51 -17.36 7.68
N ALA A 353 36.35 -16.83 8.03
CA ALA A 353 36.25 -15.69 8.92
C ALA A 353 34.95 -15.77 9.70
N PHE A 354 35.00 -15.32 10.95
CA PHE A 354 33.81 -15.17 11.78
C PHE A 354 33.89 -13.76 12.36
N LYS A 355 33.20 -12.82 11.71
CA LYS A 355 33.22 -11.41 12.10
C LYS A 355 32.00 -11.04 12.95
N ILE A 356 32.25 -10.41 14.09
CA ILE A 356 31.17 -9.95 14.97
C ILE A 356 31.08 -8.43 14.94
N GLY A 357 29.85 -7.91 14.88
CA GLY A 357 29.63 -6.47 14.88
C GLY A 357 28.61 -6.09 15.94
N TYR A 358 28.79 -4.91 16.52
CA TYR A 358 27.84 -4.35 17.47
C TYR A 358 27.46 -2.94 17.08
N VAL A 359 26.18 -2.63 17.23
CA VAL A 359 25.63 -1.32 16.89
C VAL A 359 24.68 -0.92 18.02
N GLU A 360 24.87 0.29 18.57
CA GLU A 360 24.06 0.75 19.71
C GLU A 360 22.60 0.96 19.34
N GLN A 361 22.36 1.80 18.34
CA GLN A 361 21.00 2.09 17.86
C GLN A 361 20.23 0.86 17.39
N PRO A 362 19.03 0.62 17.95
CA PRO A 362 18.24 -0.54 17.57
C PRO A 362 17.31 -0.30 16.39
N GLY A 363 16.88 -1.40 15.76
CA GLY A 363 15.75 -1.35 14.85
C GLY A 363 14.52 -0.86 15.60
N ILE A 364 13.66 -0.13 14.89
CA ILE A 364 12.44 0.43 15.49
C ILE A 364 11.45 -0.68 15.89
N SER A 365 11.61 -1.81 15.23
CA SER A 365 10.84 -3.03 15.48
C SER A 365 11.17 -3.71 16.82
N HIS A 366 12.46 -3.91 17.11
CA HIS A 366 12.87 -4.73 18.26
C HIS A 366 13.95 -4.03 19.10
N ARG A 367 13.77 -4.04 20.42
CA ARG A 367 14.70 -3.39 21.33
C ARG A 367 16.15 -3.93 21.18
N LYS A 368 16.27 -5.18 20.75
CA LYS A 368 17.54 -5.80 20.37
C LYS A 368 17.34 -6.93 19.34
N SER A 369 18.27 -7.07 18.40
CA SER A 369 18.14 -8.03 17.31
C SER A 369 19.48 -8.35 16.66
N MET A 370 19.51 -9.46 15.92
CA MET A 370 20.69 -9.88 15.18
C MET A 370 20.40 -10.31 13.75
N VAL A 371 21.32 -9.99 12.84
CA VAL A 371 21.39 -10.55 11.50
C VAL A 371 22.63 -11.43 11.32
N LEU A 372 22.44 -12.57 10.67
CA LEU A 372 23.53 -13.45 10.25
C LEU A 372 23.66 -13.30 8.74
N LEU A 373 24.88 -12.98 8.27
CA LEU A 373 25.24 -13.08 6.86
C LEU A 373 26.24 -14.22 6.72
N ALA A 374 26.00 -15.09 5.75
CA ALA A 374 26.79 -16.30 5.63
C ALA A 374 27.09 -16.71 4.21
N ASN A 375 28.32 -17.18 4.01
CA ASN A 375 28.74 -17.85 2.80
C ASN A 375 28.76 -19.33 3.13
N ASN A 376 27.77 -20.03 2.58
CA ASN A 376 27.51 -21.42 2.90
C ASN A 376 27.24 -22.28 1.65
N THR A 377 27.79 -23.49 1.65
CA THR A 377 27.66 -24.39 0.49
C THR A 377 26.24 -24.89 0.19
N GLU A 378 25.35 -24.81 1.16
CA GLU A 378 23.95 -25.15 0.94
C GLU A 378 23.19 -24.26 -0.06
N ILE A 379 23.79 -23.12 -0.42
CA ILE A 379 23.25 -22.27 -1.48
C ILE A 379 23.05 -23.08 -2.76
N ALA A 380 23.90 -24.10 -2.91
CA ALA A 380 23.84 -25.03 -4.04
C ALA A 380 22.51 -25.77 -4.17
N ARG A 381 21.88 -26.13 -3.06
CA ARG A 381 20.58 -26.79 -3.15
C ARG A 381 19.50 -25.83 -3.64
N VAL A 382 19.60 -24.57 -3.23
CA VAL A 382 18.70 -23.54 -3.74
C VAL A 382 18.91 -23.31 -5.24
N LEU A 383 20.16 -23.15 -5.65
CA LEU A 383 20.49 -22.92 -7.05
C LEU A 383 20.14 -24.13 -7.93
N ASP A 384 20.36 -25.33 -7.41
CA ASP A 384 20.08 -26.55 -8.17
C ASP A 384 18.57 -26.79 -8.31
N ARG A 385 17.79 -26.26 -7.36
CA ARG A 385 16.34 -26.26 -7.49
C ARG A 385 15.92 -25.37 -8.68
N ILE A 386 16.58 -24.23 -8.84
CA ILE A 386 16.30 -23.33 -9.96
C ILE A 386 16.73 -23.95 -11.29
N CYS A 387 17.93 -24.49 -11.33
CA CYS A 387 18.43 -25.16 -12.52
C CYS A 387 17.49 -26.26 -13.00
N HIS A 388 17.01 -27.06 -12.06
CA HIS A 388 16.13 -28.17 -12.40
C HIS A 388 14.75 -27.71 -12.89
N ASN A 389 14.21 -26.64 -12.33
CA ASN A 389 12.96 -26.09 -12.87
C ASN A 389 13.14 -25.55 -14.29
N PHE A 390 14.32 -25.01 -14.57
CA PHE A 390 14.70 -24.57 -15.90
C PHE A 390 14.74 -25.74 -16.90
N ASP A 391 15.39 -26.83 -16.49
CA ASP A 391 15.53 -27.99 -17.35
C ASP A 391 14.18 -28.63 -17.67
N LYS A 392 13.22 -28.51 -16.75
CA LYS A 392 11.85 -28.95 -16.98
C LYS A 392 11.23 -28.20 -18.16
N LEU A 393 11.56 -26.91 -18.24
CA LEU A 393 11.07 -26.06 -19.31
C LEU A 393 11.86 -26.23 -20.60
N TRP A 394 13.19 -26.30 -20.48
CA TRP A 394 14.07 -26.25 -21.65
C TRP A 394 14.11 -27.57 -22.41
N GLN A 395 13.81 -28.68 -21.72
CA GLN A 395 13.77 -30.02 -22.34
C GLN A 395 12.80 -30.04 -23.52
N ARG A 396 11.73 -29.24 -23.43
CA ARG A 396 10.73 -29.19 -24.49
C ARG A 396 10.68 -27.82 -25.18
N LYS A 397 11.75 -27.04 -25.01
CA LYS A 397 11.83 -25.67 -25.54
C LYS A 397 10.55 -24.88 -25.24
N ALA A 398 10.07 -24.99 -23.99
CA ALA A 398 8.75 -24.50 -23.61
C ALA A 398 8.42 -23.11 -24.14
N PHE A 399 9.08 -22.08 -23.64
CA PHE A 399 8.76 -20.75 -24.11
C PHE A 399 9.88 -20.17 -24.96
N ALA A 400 10.51 -21.02 -25.76
CA ALA A 400 11.76 -20.67 -26.44
C ALA A 400 11.66 -19.42 -27.31
N ASN A 401 10.57 -19.31 -28.07
CA ASN A 401 10.41 -18.23 -29.04
C ASN A 401 10.21 -16.85 -28.42
N TRP A 402 9.69 -16.83 -27.18
CA TRP A 402 9.62 -15.62 -26.34
C TRP A 402 11.00 -14.97 -26.31
N TYR A 403 12.03 -15.79 -26.10
CA TYR A 403 13.41 -15.34 -25.93
C TYR A 403 14.15 -15.25 -27.27
N LEU A 404 13.99 -16.29 -28.08
CA LEU A 404 14.57 -16.36 -29.42
C LEU A 404 14.14 -15.20 -30.32
N ASN A 405 12.88 -14.78 -30.24
CA ASN A 405 12.38 -13.67 -31.06
C ASN A 405 12.58 -12.32 -30.39
N GLU A 406 13.65 -12.21 -29.61
CA GLU A 406 13.93 -10.98 -28.88
C GLU A 406 15.45 -10.80 -28.77
N GLY A 407 16.20 -11.59 -29.54
CA GLY A 407 17.62 -11.37 -29.66
C GLY A 407 18.55 -12.41 -29.11
N MET A 408 18.00 -13.37 -28.36
CA MET A 408 18.79 -14.46 -27.79
C MET A 408 18.81 -15.63 -28.76
N SER A 409 19.92 -16.37 -28.78
CA SER A 409 19.99 -17.59 -29.60
C SER A 409 19.81 -18.84 -28.75
N GLU A 410 19.52 -19.96 -29.43
CA GLU A 410 19.41 -21.26 -28.77
C GLU A 410 20.73 -21.61 -28.09
N GLU A 411 21.83 -21.41 -28.79
CA GLU A 411 23.14 -21.66 -28.21
C GLU A 411 23.41 -20.79 -26.98
N GLN A 412 22.97 -19.52 -27.04
CA GLN A 412 23.14 -18.58 -25.91
C GLN A 412 22.43 -19.03 -24.65
N ILE A 413 21.23 -19.58 -24.78
CA ILE A 413 20.49 -20.14 -23.64
C ILE A 413 21.34 -21.24 -22.99
N ASN A 414 21.83 -22.19 -23.78
CA ASN A 414 22.66 -23.28 -23.28
C ASN A 414 23.89 -22.79 -22.51
N VAL A 415 24.59 -21.81 -23.08
CA VAL A 415 25.76 -21.22 -22.45
C VAL A 415 25.43 -20.70 -21.04
N LEU A 416 24.32 -19.98 -20.91
CA LEU A 416 23.93 -19.44 -19.62
C LEU A 416 23.51 -20.54 -18.64
N ARG A 417 22.84 -21.58 -19.16
CA ARG A 417 22.44 -22.73 -18.35
C ARG A 417 23.67 -23.41 -17.79
N ALA A 418 24.70 -23.55 -18.63
CA ALA A 418 25.98 -24.11 -18.24
C ALA A 418 26.71 -23.25 -17.21
N SER A 419 26.60 -21.93 -17.34
CA SER A 419 27.17 -21.02 -16.35
C SER A 419 26.62 -21.25 -14.93
N ALA A 420 25.31 -21.47 -14.82
CA ALA A 420 24.70 -21.74 -13.52
C ALA A 420 25.19 -23.06 -12.98
N GLN A 421 25.22 -24.08 -13.85
CA GLN A 421 25.70 -25.41 -13.46
C GLN A 421 27.11 -25.32 -12.88
N GLU A 422 27.89 -24.38 -13.41
CA GLU A 422 29.25 -24.12 -12.96
C GLU A 422 29.27 -23.44 -11.59
N LEU A 423 28.27 -22.61 -11.33
CA LEU A 423 28.14 -21.94 -10.03
C LEU A 423 27.86 -22.98 -8.94
N VAL A 424 26.87 -23.81 -9.20
CA VAL A 424 26.53 -24.95 -8.34
C VAL A 424 27.77 -25.81 -8.09
N GLN A 425 28.47 -26.16 -9.16
CA GLN A 425 29.64 -27.02 -9.06
C GLN A 425 30.70 -26.42 -8.14
N SER A 426 30.85 -25.10 -8.21
CA SER A 426 31.83 -24.41 -7.38
C SER A 426 31.57 -24.67 -5.90
N TYR A 427 30.32 -24.51 -5.49
CA TYR A 427 29.96 -24.69 -4.09
C TYR A 427 29.94 -26.16 -3.70
N GLN A 428 29.61 -27.03 -4.65
CA GLN A 428 29.73 -28.47 -4.47
C GLN A 428 31.17 -28.89 -4.18
N VAL A 429 32.12 -28.32 -4.93
CA VAL A 429 33.56 -28.57 -4.71
C VAL A 429 34.01 -28.01 -3.36
N ALA A 430 33.57 -26.79 -3.05
CA ALA A 430 33.89 -26.13 -1.77
C ALA A 430 33.49 -27.00 -0.56
N GLU A 431 32.46 -27.81 -0.73
CA GLU A 431 32.03 -28.76 0.30
C GLU A 431 32.87 -30.05 0.28
N GLU A 432 34.13 -29.94 -0.12
CA GLU A 432 35.08 -31.09 -0.30
C GLU A 432 34.52 -32.25 -1.13
N VAL B 3 -24.47 -3.48 -8.26
CA VAL B 3 -23.41 -2.95 -7.34
C VAL B 3 -23.53 -1.42 -7.24
N ASN B 4 -23.57 -0.95 -5.99
CA ASN B 4 -23.85 0.45 -5.65
C ASN B 4 -22.73 1.41 -5.99
N ASN B 5 -23.09 2.59 -6.46
CA ASN B 5 -22.10 3.64 -6.71
C ASN B 5 -22.19 4.72 -5.65
N THR B 6 -21.04 5.24 -5.26
CA THR B 6 -20.97 6.36 -4.33
C THR B 6 -20.21 7.54 -4.96
N ILE B 7 -20.76 8.74 -4.76
CA ILE B 7 -20.10 9.99 -5.14
C ILE B 7 -19.66 10.70 -3.85
N VAL B 8 -18.43 11.18 -3.84
CA VAL B 8 -17.90 11.90 -2.69
C VAL B 8 -17.70 13.38 -3.02
N VAL B 9 -18.46 14.24 -2.36
CA VAL B 9 -18.34 15.67 -2.60
C VAL B 9 -17.57 16.28 -1.44
N SER B 10 -16.50 17.01 -1.72
CA SER B 10 -15.73 17.65 -0.65
C SER B 10 -15.75 19.18 -0.78
N ILE B 11 -16.04 19.88 0.33
CA ILE B 11 -16.20 21.32 0.35
C ILE B 11 -15.24 21.99 1.34
N GLY B 12 -14.53 23.02 0.85
CA GLY B 12 -13.63 23.82 1.68
C GLY B 12 -12.27 23.20 1.94
N GLN B 13 -11.45 23.90 2.71
CA GLN B 13 -10.06 23.49 2.96
C GLN B 13 -9.97 22.08 3.53
N ALA B 14 -10.50 21.91 4.73
CA ALA B 14 -10.47 20.66 5.45
C ALA B 14 -11.04 19.55 4.59
N GLY B 15 -12.23 19.77 4.04
CA GLY B 15 -12.91 18.80 3.20
C GLY B 15 -12.03 18.28 2.09
N ASN B 16 -11.48 19.19 1.30
CA ASN B 16 -10.68 18.82 0.17
C ASN B 16 -9.33 18.18 0.53
N GLN B 17 -8.69 18.65 1.60
CA GLN B 17 -7.43 18.06 2.04
C GLN B 17 -7.68 16.61 2.52
N ILE B 18 -8.76 16.41 3.28
CA ILE B 18 -9.18 15.07 3.64
C ILE B 18 -9.55 14.28 2.38
N ALA B 19 -10.30 14.89 1.46
CA ALA B 19 -10.69 14.17 0.24
C ALA B 19 -9.48 13.62 -0.51
N ALA B 20 -8.48 14.47 -0.71
CA ALA B 20 -7.24 14.08 -1.40
C ALA B 20 -6.54 12.87 -0.73
N SER B 21 -6.47 12.89 0.60
CA SER B 21 -5.88 11.81 1.38
C SER B 21 -6.73 10.52 1.27
N PHE B 22 -8.04 10.67 1.35
CA PHE B 22 -8.95 9.55 1.16
C PHE B 22 -8.82 8.87 -0.21
N TRP B 23 -8.85 9.64 -1.28
CA TRP B 23 -8.73 9.11 -2.63
C TRP B 23 -7.38 8.47 -2.91
N LYS B 24 -6.32 9.05 -2.36
CA LYS B 24 -5.02 8.45 -2.58
C LYS B 24 -5.03 7.05 -1.95
N THR B 25 -5.57 6.94 -0.73
CA THR B 25 -5.60 5.67 0.02
C THR B 25 -6.45 4.63 -0.71
N VAL B 26 -7.62 5.06 -1.21
CA VAL B 26 -8.54 4.19 -1.94
C VAL B 26 -7.93 3.69 -3.25
N CYS B 27 -7.31 4.59 -4.01
CA CYS B 27 -6.49 4.15 -5.16
C CYS B 27 -5.51 3.04 -4.77
N LEU B 28 -4.77 3.25 -3.69
CA LEU B 28 -3.76 2.27 -3.29
C LEU B 28 -4.40 0.95 -2.90
N GLU B 29 -5.55 1.00 -2.26
CA GLU B 29 -6.27 -0.22 -1.88
C GLU B 29 -6.70 -0.98 -3.14
N HIS B 30 -7.17 -0.27 -4.16
CA HIS B 30 -7.65 -0.91 -5.38
C HIS B 30 -6.56 -1.17 -6.44
N GLY B 31 -5.32 -0.77 -6.17
CA GLY B 31 -4.24 -0.98 -7.15
C GLY B 31 -4.34 -0.04 -8.34
N ILE B 32 -4.94 1.12 -8.12
CA ILE B 32 -5.08 2.14 -9.12
C ILE B 32 -3.99 3.16 -8.83
N ASP B 33 -3.25 3.55 -9.88
CA ASP B 33 -2.16 4.53 -9.77
C ASP B 33 -2.76 5.84 -9.29
N PRO B 34 -2.33 6.34 -8.13
CA PRO B 34 -2.98 7.52 -7.55
C PRO B 34 -2.60 8.86 -8.23
N LEU B 35 -1.63 8.82 -9.13
CA LEU B 35 -1.24 10.01 -9.89
C LEU B 35 -1.78 9.99 -11.33
N THR B 36 -2.33 8.87 -11.78
CA THR B 36 -2.75 8.79 -13.18
C THR B 36 -4.06 8.06 -13.41
N GLY B 37 -4.60 7.39 -12.39
CA GLY B 37 -5.83 6.62 -12.55
C GLY B 37 -5.66 5.35 -13.36
N GLN B 38 -4.43 4.93 -13.59
CA GLN B 38 -4.16 3.75 -14.39
C GLN B 38 -3.76 2.56 -13.55
N THR B 39 -3.82 1.39 -14.17
CA THR B 39 -3.36 0.16 -13.55
C THR B 39 -2.24 -0.38 -14.43
N ALA B 40 -1.46 -1.31 -13.91
CA ALA B 40 -0.40 -1.92 -14.70
C ALA B 40 -0.97 -2.54 -16.00
N PRO B 41 -0.13 -2.75 -17.02
CA PRO B 41 -0.65 -3.21 -18.34
C PRO B 41 -1.39 -4.55 -18.26
N GLY B 42 -2.66 -4.55 -18.68
CA GLY B 42 -3.49 -5.76 -18.68
C GLY B 42 -4.29 -6.02 -17.41
N VAL B 43 -3.90 -5.39 -16.28
CA VAL B 43 -4.56 -5.72 -15.02
C VAL B 43 -5.73 -4.80 -14.69
N ALA B 44 -6.77 -5.35 -14.08
CA ALA B 44 -7.89 -4.54 -13.62
C ALA B 44 -7.65 -4.18 -12.14
N PRO B 45 -8.34 -3.16 -11.62
CA PRO B 45 -8.17 -2.92 -10.18
C PRO B 45 -8.74 -4.09 -9.36
N ARG B 46 -8.27 -4.22 -8.12
CA ARG B 46 -8.83 -5.16 -7.16
C ARG B 46 -10.20 -4.69 -6.77
N GLY B 47 -11.03 -5.64 -6.31
CA GLY B 47 -12.24 -5.30 -5.60
C GLY B 47 -13.34 -4.82 -6.51
N ASN B 48 -14.38 -4.27 -5.89
CA ASN B 48 -15.45 -3.64 -6.64
C ASN B 48 -15.13 -2.15 -6.85
N TRP B 49 -14.16 -1.92 -7.74
CA TRP B 49 -13.68 -0.59 -8.07
C TRP B 49 -14.77 0.35 -8.63
N SER B 50 -15.74 -0.20 -9.35
CA SER B 50 -16.75 0.66 -10.00
C SER B 50 -17.66 1.35 -8.99
N SER B 51 -17.58 0.95 -7.72
CA SER B 51 -18.44 1.59 -6.73
C SER B 51 -18.00 3.04 -6.56
N PHE B 52 -16.69 3.26 -6.40
CA PHE B 52 -16.14 4.60 -6.28
C PHE B 52 -15.43 5.18 -7.54
N PHE B 53 -15.21 4.36 -8.56
CA PHE B 53 -14.57 4.81 -9.81
C PHE B 53 -15.40 4.50 -11.07
N SER B 54 -15.27 5.35 -12.08
CA SER B 54 -15.81 5.03 -13.41
C SER B 54 -14.67 4.84 -14.38
N LYS B 55 -14.89 4.03 -15.40
CA LYS B 55 -13.85 3.82 -16.40
C LYS B 55 -14.03 4.78 -17.58
N LEU B 56 -12.92 5.40 -17.98
CA LEU B 56 -12.84 6.23 -19.18
C LEU B 56 -12.13 5.46 -20.29
N GLY B 57 -12.79 5.36 -21.44
CA GLY B 57 -12.19 4.81 -22.67
C GLY B 57 -11.67 3.39 -22.67
N GLU B 58 -10.87 3.08 -23.70
CA GLU B 58 -10.21 1.77 -23.87
C GLU B 58 -9.28 1.42 -22.71
N SER B 59 -8.85 0.17 -22.65
CA SER B 59 -7.98 -0.28 -21.56
C SER B 59 -6.50 0.14 -21.71
N SER B 60 -6.10 0.51 -22.93
CA SER B 60 -4.73 0.90 -23.24
C SER B 60 -4.38 2.27 -22.64
N SER B 61 -4.97 3.34 -23.18
CA SER B 61 -4.71 4.73 -22.78
C SER B 61 -5.72 5.25 -21.74
N GLY B 62 -6.66 4.38 -21.37
CA GLY B 62 -7.75 4.71 -20.45
C GLY B 62 -7.33 4.89 -19.00
N SER B 63 -8.32 4.97 -18.12
CA SER B 63 -8.15 5.63 -16.84
C SER B 63 -9.31 5.23 -15.91
N TYR B 64 -9.07 5.28 -14.60
CA TYR B 64 -10.13 5.05 -13.60
C TYR B 64 -10.30 6.31 -12.79
N VAL B 65 -11.50 6.88 -12.84
CA VAL B 65 -11.72 8.24 -12.40
C VAL B 65 -12.59 8.28 -11.14
N PRO B 66 -12.03 8.80 -10.03
CA PRO B 66 -12.84 8.95 -8.80
C PRO B 66 -14.16 9.63 -9.10
N ARG B 67 -15.24 9.04 -8.61
CA ARG B 67 -16.57 9.65 -8.65
C ARG B 67 -16.54 10.74 -7.60
N ALA B 68 -15.83 11.82 -7.92
CA ALA B 68 -15.51 12.86 -6.96
C ALA B 68 -15.72 14.25 -7.53
N ILE B 69 -16.21 15.14 -6.67
CA ILE B 69 -16.34 16.56 -6.97
C ILE B 69 -15.74 17.31 -5.79
N MET B 70 -14.91 18.31 -6.09
CA MET B 70 -14.26 19.13 -5.06
C MET B 70 -14.61 20.59 -5.28
N VAL B 71 -15.17 21.20 -4.26
CA VAL B 71 -15.62 22.59 -4.35
C VAL B 71 -14.90 23.40 -3.30
N ASP B 72 -14.41 24.57 -3.70
CA ASP B 72 -13.93 25.58 -2.77
C ASP B 72 -14.20 27.01 -3.32
N LEU B 73 -14.12 28.02 -2.46
CA LEU B 73 -14.15 29.40 -2.92
C LEU B 73 -12.72 29.93 -3.11
N GLU B 74 -11.90 29.80 -2.06
CA GLU B 74 -10.48 30.08 -2.16
C GLU B 74 -9.85 28.96 -3.01
N PRO B 75 -8.91 29.30 -3.93
CA PRO B 75 -8.35 28.30 -4.85
C PRO B 75 -7.07 27.54 -4.39
N SER B 76 -6.44 27.98 -3.30
CA SER B 76 -5.17 27.37 -2.83
C SER B 76 -5.22 25.86 -2.66
N VAL B 77 -6.28 25.36 -2.06
CA VAL B 77 -6.34 23.95 -1.73
C VAL B 77 -6.56 23.09 -2.98
N ILE B 78 -7.46 23.52 -3.86
CA ILE B 78 -7.70 22.79 -5.11
C ILE B 78 -6.51 22.89 -6.07
N ASP B 79 -5.81 24.02 -6.04
CA ASP B 79 -4.53 24.17 -6.74
C ASP B 79 -3.54 23.13 -6.23
N ASN B 80 -3.55 22.87 -4.93
CA ASN B 80 -2.61 21.92 -4.34
C ASN B 80 -2.94 20.50 -4.75
N VAL B 81 -4.23 20.22 -4.85
CA VAL B 81 -4.69 18.93 -5.32
C VAL B 81 -4.20 18.69 -6.75
N LYS B 82 -4.42 19.66 -7.62
CA LYS B 82 -3.88 19.60 -8.97
C LYS B 82 -2.36 19.38 -9.00
N ALA B 83 -1.65 19.97 -8.05
CA ALA B 83 -0.19 19.86 -8.01
C ALA B 83 0.26 18.45 -7.59
N THR B 84 -0.47 17.83 -6.68
CA THR B 84 -0.08 16.54 -6.10
C THR B 84 -0.79 15.33 -6.71
N SER B 85 -1.77 15.51 -7.58
CA SER B 85 -2.55 14.33 -8.00
C SER B 85 -2.58 14.02 -9.50
N GLY B 86 -1.58 14.47 -10.25
CA GLY B 86 -1.48 14.10 -11.68
C GLY B 86 -2.80 14.25 -12.44
N SER B 87 -3.15 13.19 -13.17
CA SER B 87 -4.38 13.17 -13.97
C SER B 87 -5.49 12.27 -13.40
N LEU B 88 -5.49 12.14 -12.07
CA LEU B 88 -6.46 11.30 -11.34
C LEU B 88 -7.87 11.87 -11.48
N PHE B 89 -8.07 13.13 -11.13
CA PHE B 89 -9.43 13.67 -11.09
C PHE B 89 -9.96 14.15 -12.42
N ASN B 90 -11.27 14.29 -12.53
CA ASN B 90 -11.84 14.92 -13.71
C ASN B 90 -11.69 16.40 -13.44
N PRO B 91 -10.93 17.11 -14.31
CA PRO B 91 -10.66 18.52 -14.09
C PRO B 91 -11.94 19.34 -13.98
N ALA B 92 -12.98 18.92 -14.70
CA ALA B 92 -14.30 19.55 -14.62
C ALA B 92 -14.99 19.41 -13.26
N ASN B 93 -14.49 18.52 -12.40
CA ASN B 93 -15.07 18.30 -11.09
C ASN B 93 -14.38 19.05 -9.95
N LEU B 94 -13.37 19.83 -10.30
CA LEU B 94 -12.66 20.61 -9.29
C LEU B 94 -13.01 22.07 -9.48
N ILE B 95 -13.95 22.54 -8.67
CA ILE B 95 -14.57 23.82 -8.88
C ILE B 95 -14.13 24.79 -7.79
N SER B 96 -13.56 25.91 -8.20
CA SER B 96 -13.21 26.97 -7.25
C SER B 96 -13.45 28.37 -7.79
N ARG B 97 -13.29 29.38 -6.95
CA ARG B 97 -13.45 30.75 -7.35
C ARG B 97 -12.20 31.55 -7.01
N THR B 98 -12.32 32.57 -6.17
CA THR B 98 -11.21 33.50 -5.95
C THR B 98 -11.11 33.98 -4.51
N GLU B 99 -12.18 34.57 -3.98
CA GLU B 99 -12.24 34.88 -2.56
C GLU B 99 -12.38 33.61 -1.72
N GLY B 100 -11.93 33.70 -0.46
CA GLY B 100 -12.30 32.71 0.54
C GLY B 100 -13.60 33.27 1.07
N ALA B 101 -14.27 32.54 1.94
CA ALA B 101 -15.49 33.04 2.55
C ALA B 101 -15.16 33.79 3.82
N GLY B 102 -13.86 33.94 4.08
CA GLY B 102 -13.35 34.63 5.26
C GLY B 102 -13.92 34.12 6.57
N GLY B 103 -14.17 32.81 6.65
CA GLY B 103 -14.75 32.21 7.85
C GLY B 103 -16.14 32.71 8.15
N ASN B 104 -16.92 32.94 7.10
CA ASN B 104 -18.27 33.47 7.24
C ASN B 104 -19.29 32.57 6.57
N PHE B 105 -20.05 31.86 7.40
CA PHE B 105 -21.07 30.91 6.96
C PHE B 105 -22.03 31.54 5.94
N ALA B 106 -22.38 32.80 6.17
CA ALA B 106 -23.38 33.47 5.36
C ALA B 106 -22.90 33.72 3.94
N VAL B 107 -21.60 33.96 3.77
CA VAL B 107 -20.99 34.08 2.44
C VAL B 107 -21.17 32.79 1.64
N GLY B 108 -20.94 31.65 2.29
CA GLY B 108 -21.08 30.35 1.64
C GLY B 108 -22.51 29.95 1.33
N TYR B 109 -23.44 30.34 2.22
CA TYR B 109 -24.84 29.94 2.08
C TYR B 109 -25.64 30.89 1.19
N LEU B 110 -25.38 32.19 1.30
CA LEU B 110 -26.18 33.18 0.59
C LEU B 110 -25.41 34.02 -0.43
N GLY B 111 -24.11 34.19 -0.23
CA GLY B 111 -23.32 35.08 -1.06
C GLY B 111 -22.65 34.32 -2.19
N ALA B 112 -21.33 34.35 -2.20
CA ALA B 112 -20.53 33.67 -3.23
C ALA B 112 -20.90 32.20 -3.42
N GLY B 113 -21.46 31.58 -2.39
CA GLY B 113 -21.86 30.17 -2.46
C GLY B 113 -22.97 29.91 -3.46
N ARG B 114 -23.91 30.83 -3.55
CA ARG B 114 -25.07 30.68 -4.44
C ARG B 114 -24.64 30.74 -5.90
N GLU B 115 -23.53 31.44 -6.13
CA GLU B 115 -22.96 31.61 -7.46
C GLU B 115 -22.31 30.32 -7.96
N VAL B 116 -21.72 29.54 -7.05
CA VAL B 116 -21.05 28.31 -7.47
C VAL B 116 -22.02 27.15 -7.66
N LEU B 117 -23.21 27.28 -7.10
CA LEU B 117 -24.15 26.16 -7.01
C LEU B 117 -24.59 25.56 -8.34
N PRO B 118 -24.99 26.41 -9.32
CA PRO B 118 -25.38 25.78 -10.59
C PRO B 118 -24.27 24.93 -11.22
N GLU B 119 -23.01 25.34 -11.11
CA GLU B 119 -21.93 24.54 -11.69
C GLU B 119 -21.75 23.23 -10.92
N VAL B 120 -21.73 23.33 -9.59
CA VAL B 120 -21.56 22.17 -8.74
C VAL B 120 -22.71 21.19 -8.95
N MET B 121 -23.94 21.70 -8.96
CA MET B 121 -25.13 20.88 -9.20
C MET B 121 -25.13 20.22 -10.57
N SER B 122 -24.65 20.95 -11.58
CA SER B 122 -24.51 20.37 -12.89
C SER B 122 -23.49 19.22 -12.95
N ARG B 123 -22.42 19.30 -12.18
CA ARG B 123 -21.45 18.20 -12.11
C ARG B 123 -22.05 16.99 -11.38
N LEU B 124 -22.90 17.27 -10.39
CA LEU B 124 -23.61 16.23 -9.69
C LEU B 124 -24.53 15.46 -10.63
N ASP B 125 -25.29 16.21 -11.43
CA ASP B 125 -26.13 15.64 -12.49
C ASP B 125 -25.35 14.62 -13.30
N TYR B 126 -24.23 15.06 -13.85
CA TYR B 126 -23.42 14.26 -14.75
C TYR B 126 -22.91 12.97 -14.09
N GLU B 127 -22.30 13.11 -12.92
CA GLU B 127 -21.86 11.96 -12.10
C GLU B 127 -23.00 10.99 -11.77
N ILE B 128 -24.15 11.52 -11.34
CA ILE B 128 -25.34 10.72 -10.99
C ILE B 128 -25.80 9.85 -12.18
N ASP B 129 -25.99 10.48 -13.33
CA ASP B 129 -26.53 9.83 -14.52
C ASP B 129 -25.61 8.73 -15.06
N LYS B 130 -24.30 8.94 -14.92
CA LYS B 130 -23.31 7.93 -15.31
C LYS B 130 -23.08 6.82 -14.25
N CYS B 131 -24.07 6.64 -13.38
CA CYS B 131 -24.07 5.57 -12.37
C CYS B 131 -25.06 4.48 -12.77
N ASP B 132 -24.66 3.23 -12.63
CA ASP B 132 -25.59 2.12 -12.88
C ASP B 132 -26.67 2.18 -11.79
N ASN B 133 -26.22 2.25 -10.53
CA ASN B 133 -27.12 2.38 -9.39
C ASN B 133 -26.51 3.18 -8.24
N VAL B 134 -26.96 4.42 -8.07
CA VAL B 134 -26.38 5.31 -7.07
C VAL B 134 -26.89 4.93 -5.69
N GLY B 135 -25.97 4.61 -4.77
CA GLY B 135 -26.33 4.14 -3.45
C GLY B 135 -26.16 5.17 -2.34
N GLY B 136 -25.46 6.27 -2.66
CA GLY B 136 -25.29 7.36 -1.70
C GLY B 136 -24.33 8.47 -2.13
N ILE B 137 -24.42 9.59 -1.43
CA ILE B 137 -23.48 10.70 -1.59
C ILE B 137 -22.86 11.03 -0.24
N ILE B 138 -21.53 11.07 -0.21
CA ILE B 138 -20.81 11.44 0.99
C ILE B 138 -20.29 12.88 0.87
N VAL B 139 -20.65 13.73 1.82
CA VAL B 139 -20.19 15.12 1.83
C VAL B 139 -19.14 15.28 2.91
N LEU B 140 -17.91 15.57 2.46
CA LEU B 140 -16.75 15.74 3.33
C LEU B 140 -16.50 17.23 3.56
N HIS B 141 -16.55 17.66 4.82
CA HIS B 141 -16.37 19.08 5.13
C HIS B 141 -16.10 19.40 6.62
N ALA B 142 -15.49 20.57 6.84
CA ALA B 142 -15.32 21.13 8.18
C ALA B 142 -16.43 22.15 8.31
N ILE B 143 -16.94 22.35 9.52
CA ILE B 143 -18.03 23.29 9.69
C ILE B 143 -17.67 24.55 10.52
N GLY B 144 -16.38 24.72 10.82
CA GLY B 144 -15.91 25.89 11.56
C GLY B 144 -15.61 27.09 10.69
N GLY B 145 -15.40 26.85 9.38
CA GLY B 145 -15.15 27.92 8.41
C GLY B 145 -16.43 28.32 7.72
N GLY B 146 -16.32 28.93 6.54
CA GLY B 146 -17.49 29.48 5.86
C GLY B 146 -17.89 28.83 4.55
N THR B 147 -16.99 28.09 3.94
CA THR B 147 -17.34 27.38 2.71
C THR B 147 -17.96 26.02 3.04
N GLY B 148 -17.18 25.13 3.66
CA GLY B 148 -17.72 23.85 4.12
C GLY B 148 -19.04 23.98 4.84
N SER B 149 -19.16 24.97 5.74
CA SER B 149 -20.36 25.17 6.55
C SER B 149 -21.51 25.73 5.73
N GLY B 150 -21.25 26.89 5.09
CA GLY B 150 -22.26 27.61 4.33
C GLY B 150 -22.70 26.91 3.07
N PHE B 151 -21.74 26.57 2.23
CA PHE B 151 -22.03 25.92 0.96
C PHE B 151 -22.33 24.43 1.18
N GLY B 152 -21.66 23.84 2.16
CA GLY B 152 -22.04 22.50 2.62
C GLY B 152 -23.50 22.47 2.99
N ALA B 153 -23.95 23.48 3.73
CA ALA B 153 -25.34 23.54 4.13
C ALA B 153 -26.20 23.72 2.90
N LEU B 154 -25.76 24.59 2.00
CA LEU B 154 -26.53 24.94 0.82
C LEU B 154 -26.70 23.72 -0.08
N LEU B 155 -25.62 22.98 -0.25
CA LEU B 155 -25.60 21.88 -1.20
C LEU B 155 -26.36 20.65 -0.73
N ILE B 156 -26.28 20.33 0.57
CA ILE B 156 -27.03 19.20 1.12
C ILE B 156 -28.54 19.48 0.96
N GLU B 157 -28.96 20.69 1.35
CA GLU B 157 -30.34 21.13 1.15
C GLU B 157 -30.76 20.97 -0.30
N SER B 158 -29.89 21.45 -1.20
CA SER B 158 -30.14 21.39 -2.64
C SER B 158 -30.22 19.96 -3.12
N LEU B 159 -29.30 19.13 -2.63
CA LEU B 159 -29.26 17.72 -2.98
C LEU B 159 -30.56 17.00 -2.67
N LYS B 160 -31.12 17.29 -1.50
CA LYS B 160 -32.28 16.59 -1.01
C LYS B 160 -33.56 17.02 -1.70
N GLU B 161 -33.62 18.29 -2.09
CA GLU B 161 -34.73 18.83 -2.84
C GLU B 161 -34.80 18.25 -4.26
N LYS B 162 -33.65 18.16 -4.92
CA LYS B 162 -33.62 17.67 -6.30
C LYS B 162 -33.65 16.14 -6.42
N TYR B 163 -32.92 15.44 -5.57
CA TYR B 163 -32.85 13.97 -5.69
C TYR B 163 -33.66 13.17 -4.66
N GLY B 164 -33.99 13.80 -3.54
CA GLY B 164 -34.87 13.21 -2.54
C GLY B 164 -34.38 11.91 -1.95
N GLU B 165 -34.58 10.82 -2.69
CA GLU B 165 -34.44 9.47 -2.14
C GLU B 165 -33.00 9.01 -1.90
N ILE B 166 -32.04 9.61 -2.61
CA ILE B 166 -30.63 9.26 -2.45
C ILE B 166 -30.16 9.51 -1.02
N PRO B 167 -29.57 8.48 -0.39
CA PRO B 167 -29.00 8.72 0.93
C PRO B 167 -27.86 9.74 0.85
N VAL B 168 -27.84 10.68 1.81
CA VAL B 168 -26.77 11.66 1.93
C VAL B 168 -26.18 11.58 3.32
N LEU B 169 -24.91 11.22 3.40
CA LEU B 169 -24.20 11.21 4.67
C LEU B 169 -23.20 12.36 4.72
N SER B 170 -23.30 13.17 5.77
CA SER B 170 -22.28 14.18 6.04
C SER B 170 -21.18 13.62 6.97
N CYS B 171 -19.93 13.85 6.59
CA CYS B 171 -18.81 13.65 7.50
C CYS B 171 -18.25 15.03 7.79
N ALA B 172 -18.46 15.49 9.02
CA ALA B 172 -18.25 16.87 9.40
C ALA B 172 -17.18 17.05 10.48
N VAL B 173 -16.19 17.88 10.20
CA VAL B 173 -15.14 18.17 11.16
C VAL B 173 -15.57 19.36 12.03
N LEU B 174 -15.40 19.19 13.34
CA LEU B 174 -15.78 20.19 14.32
C LEU B 174 -14.55 20.88 14.88
N PRO B 175 -14.65 22.20 15.12
CA PRO B 175 -13.50 22.98 15.56
C PRO B 175 -13.09 22.66 16.99
N SER B 176 -11.84 22.94 17.34
CA SER B 176 -11.33 22.61 18.67
C SER B 176 -11.04 23.85 19.52
N PRO B 177 -11.50 23.84 20.79
CA PRO B 177 -11.33 24.99 21.68
C PRO B 177 -9.88 25.23 22.05
N VAL B 183 -12.11 34.04 17.35
CA VAL B 183 -12.54 33.46 16.06
C VAL B 183 -14.02 33.08 16.06
N THR B 184 -14.57 32.96 14.86
CA THR B 184 -16.01 32.85 14.66
C THR B 184 -16.49 31.41 14.43
N GLU B 185 -15.61 30.44 14.69
CA GLU B 185 -15.90 29.01 14.50
C GLU B 185 -17.17 28.50 15.21
N PRO B 186 -17.44 28.97 16.45
CA PRO B 186 -18.64 28.43 17.10
C PRO B 186 -19.93 28.83 16.39
N TYR B 187 -19.90 30.01 15.76
CA TYR B 187 -21.04 30.54 15.01
C TYR B 187 -21.34 29.69 13.78
N ASN B 188 -20.29 29.35 13.03
CA ASN B 188 -20.45 28.67 11.76
C ASN B 188 -20.88 27.22 11.99
N THR B 189 -20.36 26.63 13.06
CA THR B 189 -20.68 25.27 13.43
C THR B 189 -22.17 25.17 13.69
N VAL B 190 -22.67 26.09 14.52
CA VAL B 190 -24.07 26.06 14.91
C VAL B 190 -25.00 26.25 13.71
N PHE B 191 -24.61 27.15 12.80
CA PHE B 191 -25.44 27.46 11.64
C PHE B 191 -25.53 26.25 10.71
N ALA B 192 -24.38 25.62 10.48
CA ALA B 192 -24.29 24.39 9.69
C ALA B 192 -25.08 23.23 10.32
N LEU B 193 -25.03 23.11 11.65
CA LEU B 193 -25.72 22.02 12.37
C LEU B 193 -27.19 21.94 12.05
N ASN B 194 -27.83 23.09 11.83
CA ASN B 194 -29.27 23.10 11.54
C ASN B 194 -29.59 22.26 10.32
N THR B 195 -28.89 22.55 9.22
CA THR B 195 -29.02 21.80 7.98
C THR B 195 -28.64 20.32 8.15
N LEU B 196 -27.62 20.08 8.97
CA LEU B 196 -27.15 18.71 9.18
C LEU B 196 -28.18 17.94 9.99
N ARG B 197 -28.89 18.66 10.85
CA ARG B 197 -30.01 18.11 11.60
C ARG B 197 -31.24 17.84 10.73
N ARG B 198 -31.60 18.81 9.87
CA ARG B 198 -32.86 18.70 9.13
C ARG B 198 -32.76 17.98 7.79
N SER B 199 -31.59 18.05 7.13
CA SER B 199 -31.51 17.64 5.74
C SER B 199 -30.57 16.45 5.47
N ALA B 200 -29.47 16.36 6.20
CA ALA B 200 -28.61 15.19 6.08
C ALA B 200 -29.36 13.95 6.59
N ASP B 201 -29.25 12.85 5.84
CA ASP B 201 -29.79 11.57 6.32
C ASP B 201 -29.03 11.10 7.55
N ALA B 202 -27.74 11.43 7.63
CA ALA B 202 -26.95 11.19 8.84
C ALA B 202 -25.70 12.06 8.84
N CYS B 203 -25.16 12.33 10.03
CA CYS B 203 -23.93 13.09 10.11
C CYS B 203 -22.94 12.44 11.06
N LEU B 204 -21.78 12.04 10.52
CA LEU B 204 -20.68 11.51 11.32
C LEU B 204 -19.76 12.65 11.70
N ILE B 205 -19.59 12.86 13.01
CA ILE B 205 -18.66 13.92 13.43
C ILE B 205 -17.23 13.45 13.57
N PHE B 206 -16.31 14.36 13.27
CA PHE B 206 -14.91 14.19 13.55
C PHE B 206 -14.51 15.40 14.38
N ASP B 207 -14.30 15.17 15.67
CA ASP B 207 -14.00 16.22 16.61
C ASP B 207 -12.50 16.50 16.61
N ASN B 208 -12.12 17.65 16.06
CA ASN B 208 -10.71 18.04 16.01
C ASN B 208 -10.05 18.02 17.38
N GLU B 209 -10.81 18.27 18.43
CA GLU B 209 -10.23 18.24 19.75
C GLU B 209 -9.71 16.86 20.10
N ALA B 210 -10.53 15.84 19.88
CA ALA B 210 -10.14 14.44 20.11
C ALA B 210 -8.98 14.01 19.20
N LEU B 211 -9.07 14.33 17.91
CA LEU B 211 -8.04 13.99 16.96
C LEU B 211 -6.69 14.58 17.39
N PHE B 212 -6.72 15.85 17.82
CA PHE B 212 -5.52 16.50 18.32
C PHE B 212 -4.91 15.71 19.47
N ASP B 213 -5.73 15.40 20.47
CA ASP B 213 -5.27 14.66 21.63
C ASP B 213 -4.67 13.33 21.23
N LEU B 214 -5.40 12.53 20.46
CA LEU B 214 -4.91 11.22 20.02
C LEU B 214 -3.55 11.32 19.33
N ALA B 215 -3.40 12.31 18.46
CA ALA B 215 -2.16 12.46 17.71
C ALA B 215 -1.02 12.82 18.66
N HIS B 216 -1.30 13.67 19.66
CA HIS B 216 -0.28 14.09 20.65
C HIS B 216 0.02 12.95 21.62
N ARG B 217 -1.05 12.39 22.18
CA ARG B 217 -1.01 11.31 23.16
C ARG B 217 -0.48 9.99 22.57
N LYS B 218 -1.33 9.29 21.82
CA LYS B 218 -0.99 7.96 21.25
C LYS B 218 0.22 7.94 20.31
N TRP B 219 0.57 9.09 19.73
CA TRP B 219 1.56 9.13 18.64
C TRP B 219 2.81 9.96 18.96
N ASN B 220 2.78 10.69 20.07
CA ASN B 220 3.92 11.49 20.55
C ASN B 220 4.27 12.74 19.74
N ILE B 221 3.31 13.23 18.96
CA ILE B 221 3.54 14.43 18.17
C ILE B 221 3.37 15.70 19.02
N GLU B 222 4.49 16.36 19.32
CA GLU B 222 4.45 17.57 20.15
C GLU B 222 3.54 18.64 19.52
N SER B 223 3.76 18.92 18.24
CA SER B 223 2.95 19.89 17.50
C SER B 223 2.24 19.24 16.31
N PRO B 224 1.10 18.56 16.57
CA PRO B 224 0.39 17.88 15.49
C PRO B 224 -0.09 18.83 14.40
N THR B 225 0.02 18.39 13.15
CA THR B 225 -0.46 19.17 12.02
C THR B 225 -1.78 18.60 11.50
N VAL B 226 -2.40 19.29 10.54
CA VAL B 226 -3.64 18.79 9.95
C VAL B 226 -3.44 17.50 9.16
N ASP B 227 -2.23 17.30 8.64
CA ASP B 227 -1.88 16.06 7.96
C ASP B 227 -2.00 14.86 8.90
N ASP B 228 -1.55 15.04 10.13
CA ASP B 228 -1.64 14.00 11.15
C ASP B 228 -3.10 13.69 11.46
N LEU B 229 -3.90 14.73 11.62
CA LEU B 229 -5.30 14.56 11.95
C LEU B 229 -6.05 13.87 10.83
N ASN B 230 -5.61 14.12 9.60
CA ASN B 230 -6.26 13.58 8.41
C ASN B 230 -5.98 12.09 8.21
N LEU B 231 -4.82 11.65 8.69
CA LEU B 231 -4.49 10.24 8.73
C LEU B 231 -5.56 9.45 9.50
N LEU B 232 -5.93 9.97 10.67
CA LEU B 232 -6.93 9.33 11.52
C LEU B 232 -8.27 9.28 10.81
N ILE B 233 -8.66 10.39 10.20
CA ILE B 233 -9.95 10.46 9.51
C ILE B 233 -9.95 9.50 8.31
N THR B 234 -8.83 9.45 7.60
CA THR B 234 -8.74 8.71 6.36
C THR B 234 -8.89 7.20 6.61
N GLU B 235 -8.20 6.73 7.64
CA GLU B 235 -8.30 5.34 8.05
C GLU B 235 -9.75 4.96 8.34
N ALA B 236 -10.44 5.82 9.09
CA ALA B 236 -11.84 5.58 9.47
C ALA B 236 -12.74 5.59 8.24
N LEU B 237 -12.54 6.56 7.35
CA LEU B 237 -13.29 6.61 6.09
C LEU B 237 -13.03 5.40 5.17
N ALA B 238 -11.77 5.00 5.04
CA ALA B 238 -11.41 3.82 4.26
C ALA B 238 -12.14 2.61 4.82
N GLY B 239 -12.10 2.52 6.15
CA GLY B 239 -12.67 1.40 6.87
C GLY B 239 -14.17 1.33 6.76
N ILE B 240 -14.85 2.47 6.87
CA ILE B 240 -16.31 2.50 6.72
C ILE B 240 -16.70 2.17 5.28
N THR B 241 -15.90 2.61 4.32
CA THR B 241 -16.30 2.40 2.93
C THR B 241 -15.89 1.03 2.39
N ALA B 242 -15.07 0.30 3.13
CA ALA B 242 -14.60 -1.03 2.70
C ALA B 242 -15.73 -2.03 2.40
N SER B 243 -16.83 -2.02 3.19
CA SER B 243 -18.02 -2.86 2.92
C SER B 243 -18.65 -2.61 1.58
N MET B 244 -18.39 -1.45 1.00
CA MET B 244 -18.99 -1.05 -0.25
C MET B 244 -18.06 -1.25 -1.44
N ARG B 245 -16.77 -1.49 -1.15
CA ARG B 245 -15.72 -1.45 -2.18
C ARG B 245 -15.08 -2.81 -2.46
N PHE B 246 -15.50 -3.83 -1.70
CA PHE B 246 -14.94 -5.20 -1.82
C PHE B 246 -16.03 -6.29 -1.72
N SER B 247 -15.67 -7.46 -2.22
CA SER B 247 -16.52 -8.64 -2.23
C SER B 247 -15.62 -9.80 -1.89
N GLY B 248 -16.21 -10.91 -1.48
CA GLY B 248 -15.43 -12.11 -1.29
C GLY B 248 -16.22 -13.14 -0.54
N PHE B 249 -15.62 -14.33 -0.43
CA PHE B 249 -16.27 -15.50 0.18
C PHE B 249 -16.76 -15.19 1.60
N LEU B 250 -16.00 -14.40 2.34
CA LEU B 250 -16.37 -14.09 3.71
C LEU B 250 -16.78 -12.64 3.88
N THR B 251 -16.68 -11.85 2.82
CA THR B 251 -16.93 -10.42 2.89
C THR B 251 -18.41 -10.06 2.94
N VAL B 252 -18.77 -9.40 4.04
CA VAL B 252 -20.14 -9.02 4.28
C VAL B 252 -20.34 -7.65 3.63
N GLU B 253 -20.97 -7.67 2.46
CA GLU B 253 -21.25 -6.47 1.70
C GLU B 253 -22.40 -5.70 2.36
N ILE B 254 -22.20 -4.39 2.59
CA ILE B 254 -23.18 -3.54 3.29
C ILE B 254 -23.27 -2.18 2.62
N SER B 255 -24.45 -1.79 2.17
CA SER B 255 -24.62 -0.51 1.48
C SER B 255 -24.74 0.67 2.46
N LEU B 256 -24.52 1.89 1.97
CA LEU B 256 -24.73 3.08 2.80
C LEU B 256 -26.17 3.12 3.36
N ARG B 257 -27.12 2.75 2.50
CA ARG B 257 -28.51 2.61 2.84
C ARG B 257 -28.68 1.70 4.06
N GLU B 258 -28.13 0.48 3.98
CA GLU B 258 -28.30 -0.56 5.01
C GLU B 258 -27.64 -0.10 6.32
N LEU B 259 -26.50 0.56 6.17
CA LEU B 259 -25.71 1.05 7.29
C LEU B 259 -26.44 2.11 8.10
N LEU B 260 -26.93 3.15 7.41
CA LEU B 260 -27.67 4.23 8.07
C LEU B 260 -28.99 3.74 8.63
N THR B 261 -29.66 2.83 7.91
CA THR B 261 -30.89 2.21 8.39
C THR B 261 -30.63 1.60 9.78
N ASN B 262 -29.52 0.87 9.91
CA ASN B 262 -29.21 0.23 11.19
C ASN B 262 -28.69 1.19 12.25
N LEU B 263 -28.06 2.27 11.82
CA LEU B 263 -27.49 3.22 12.77
C LEU B 263 -28.45 4.33 13.25
N VAL B 264 -29.54 4.56 12.50
CA VAL B 264 -30.45 5.67 12.79
C VAL B 264 -31.85 5.13 13.13
N PRO B 265 -32.24 5.17 14.41
CA PRO B 265 -33.53 4.63 14.82
C PRO B 265 -34.71 5.57 14.59
N GLN B 266 -34.45 6.88 14.58
CA GLN B 266 -35.43 7.91 14.25
C GLN B 266 -34.72 9.01 13.49
N PRO B 267 -35.41 9.66 12.56
CA PRO B 267 -34.83 10.79 11.83
C PRO B 267 -34.27 11.91 12.73
N SER B 268 -34.79 12.05 13.94
CA SER B 268 -34.32 13.09 14.85
C SER B 268 -33.05 12.71 15.63
N LEU B 269 -32.58 11.48 15.46
CA LEU B 269 -31.35 11.04 16.12
C LEU B 269 -30.43 10.40 15.09
N HIS B 270 -29.71 11.22 14.34
CA HIS B 270 -28.90 10.74 13.23
C HIS B 270 -27.47 11.25 13.25
N PHE B 271 -27.03 11.68 14.43
CA PHE B 271 -25.66 12.09 14.61
C PHE B 271 -24.85 10.93 15.17
N LEU B 272 -23.70 10.67 14.53
CA LEU B 272 -22.89 9.49 14.86
C LEU B 272 -21.48 9.87 15.29
N MET B 273 -20.80 8.95 15.95
CA MET B 273 -19.42 9.14 16.35
C MET B 273 -18.71 7.89 15.95
N CYS B 274 -17.39 7.94 15.88
CA CYS B 274 -16.64 6.75 15.53
C CYS B 274 -15.33 6.63 16.29
N ALA B 275 -14.91 5.39 16.40
CA ALA B 275 -13.65 5.05 17.02
C ALA B 275 -12.91 4.13 16.05
N PHE B 276 -11.59 4.08 16.18
CA PHE B 276 -10.77 3.24 15.34
C PHE B 276 -9.76 2.48 16.17
N ALA B 277 -9.38 1.29 15.68
CA ALA B 277 -8.33 0.51 16.27
C ALA B 277 -7.70 -0.32 15.16
N PRO B 278 -6.37 -0.49 15.19
CA PRO B 278 -5.44 0.04 16.22
C PRO B 278 -5.07 1.50 16.00
N LEU B 279 -4.85 2.22 17.10
CA LEU B 279 -4.37 3.60 17.02
C LEU B 279 -2.88 3.62 17.23
N THR B 280 -2.25 2.50 16.92
CA THR B 280 -0.81 2.39 16.99
C THR B 280 -0.16 3.44 16.08
N PRO B 281 0.93 4.08 16.54
CA PRO B 281 1.65 5.07 15.71
C PRO B 281 2.12 4.46 14.41
N PRO B 282 1.86 5.13 13.25
CA PRO B 282 2.36 4.80 11.90
C PRO B 282 3.86 4.41 11.87
N ASP B 283 4.63 5.05 12.75
CA ASP B 283 6.05 4.72 13.01
C ASP B 283 6.36 3.22 13.15
N ARG B 284 5.40 2.46 13.68
CA ARG B 284 5.64 1.06 14.02
C ARG B 284 4.63 0.16 13.31
N SER B 285 3.84 0.76 12.43
CA SER B 285 2.55 0.21 12.05
C SER B 285 2.53 -1.31 11.78
N LYS B 286 3.44 -1.77 10.93
CA LYS B 286 3.47 -3.19 10.55
C LYS B 286 4.39 -4.05 11.42
N PHE B 287 5.30 -3.39 12.13
CA PHE B 287 6.22 -4.11 13.00
C PHE B 287 5.59 -4.45 14.35
N GLU B 288 4.71 -3.58 14.84
CA GLU B 288 3.99 -3.77 16.10
C GLU B 288 2.50 -4.01 15.89
N GLU B 289 2.00 -5.17 16.30
CA GLU B 289 0.59 -5.48 16.17
C GLU B 289 -0.08 -5.72 17.50
N LEU B 290 -1.35 -5.31 17.60
CA LEU B 290 -2.19 -5.71 18.71
C LEU B 290 -2.85 -7.04 18.38
N GLY B 291 -3.04 -7.87 19.39
CA GLY B 291 -3.88 -9.05 19.26
C GLY B 291 -5.33 -8.62 19.23
N ILE B 292 -6.23 -9.56 18.99
CA ILE B 292 -7.65 -9.24 18.90
C ILE B 292 -8.17 -8.64 20.20
N GLU B 293 -7.71 -9.19 21.32
CA GLU B 293 -8.16 -8.81 22.65
C GLU B 293 -7.94 -7.32 22.86
N GLU B 294 -6.67 -6.94 22.88
CA GLU B 294 -6.30 -5.55 23.09
C GLU B 294 -7.01 -4.65 22.05
N MET B 295 -7.11 -5.12 20.81
CA MET B 295 -7.73 -4.34 19.74
C MET B 295 -9.22 -4.01 19.99
N ILE B 296 -10.01 -5.04 20.21
CA ILE B 296 -11.43 -4.88 20.57
C ILE B 296 -11.60 -4.07 21.86
N LYS B 297 -10.80 -4.40 22.88
CA LYS B 297 -10.77 -3.65 24.13
C LYS B 297 -10.60 -2.17 23.82
N SER B 298 -9.61 -1.85 22.99
CA SER B 298 -9.29 -0.45 22.67
C SER B 298 -10.40 0.22 21.92
N LEU B 299 -10.94 -0.48 20.93
CA LEU B 299 -12.04 0.04 20.12
C LEU B 299 -13.14 0.61 21.00
N PHE B 300 -13.50 -0.09 22.08
CA PHE B 300 -14.61 0.34 22.93
C PHE B 300 -14.20 1.24 24.10
N ASP B 301 -12.92 1.58 24.18
CA ASP B 301 -12.37 2.49 25.19
C ASP B 301 -12.72 3.96 24.95
N ASN B 302 -13.05 4.69 26.00
CA ASN B 302 -13.35 6.13 25.91
C ASN B 302 -12.24 6.94 25.24
N GLY B 303 -11.00 6.49 25.38
CA GLY B 303 -9.86 7.19 24.79
C GLY B 303 -9.62 6.92 23.31
N SER B 304 -10.57 6.27 22.64
CA SER B 304 -10.36 5.87 21.26
C SER B 304 -11.34 6.52 20.30
N VAL B 305 -12.33 7.23 20.85
CA VAL B 305 -13.38 7.82 20.01
C VAL B 305 -12.95 9.15 19.40
N PHE B 306 -13.40 9.41 18.16
CA PHE B 306 -13.04 10.65 17.47
C PHE B 306 -13.96 11.79 17.93
N ALA B 307 -14.20 11.83 19.24
CA ALA B 307 -15.07 12.81 19.86
C ALA B 307 -14.58 13.04 21.29
N ALA B 308 -14.45 14.31 21.67
CA ALA B 308 -14.04 14.67 23.02
C ALA B 308 -15.21 14.48 24.00
N CYS B 309 -15.35 13.25 24.47
CA CYS B 309 -16.44 12.85 25.37
C CYS B 309 -16.23 11.36 25.68
N SER B 310 -17.13 10.76 26.47
CA SER B 310 -16.99 9.37 26.89
C SER B 310 -18.25 8.54 26.63
N PRO B 311 -18.31 7.86 25.47
CA PRO B 311 -19.51 7.08 25.11
C PRO B 311 -20.03 6.14 26.20
N MET B 312 -19.13 5.56 26.99
CA MET B 312 -19.54 4.68 28.10
C MET B 312 -20.34 5.37 29.23
N GLU B 313 -20.14 6.67 29.42
CA GLU B 313 -20.92 7.40 30.43
C GLU B 313 -22.28 7.82 29.91
N GLY B 314 -22.54 7.62 28.62
CA GLY B 314 -23.83 7.90 28.03
C GLY B 314 -24.55 6.61 27.68
N ARG B 315 -25.40 6.65 26.66
CA ARG B 315 -26.13 5.44 26.25
C ARG B 315 -26.03 5.21 24.75
N PHE B 316 -25.89 3.95 24.36
CA PHE B 316 -25.84 3.63 22.95
C PHE B 316 -27.25 3.42 22.43
N LEU B 317 -27.57 4.15 21.36
CA LEU B 317 -28.81 3.93 20.63
C LEU B 317 -28.63 2.84 19.58
N SER B 318 -27.39 2.70 19.10
CA SER B 318 -27.10 1.82 17.98
C SER B 318 -25.61 1.73 17.76
N THR B 319 -25.18 0.71 17.03
CA THR B 319 -23.75 0.37 16.95
C THR B 319 -23.48 -0.53 15.78
N ALA B 320 -22.38 -0.23 15.10
CA ALA B 320 -21.84 -1.10 14.08
C ALA B 320 -20.34 -1.23 14.30
N VAL B 321 -19.87 -2.47 14.27
CA VAL B 321 -18.44 -2.74 14.34
C VAL B 321 -18.04 -3.24 12.96
N LEU B 322 -17.16 -2.48 12.30
CA LEU B 322 -16.76 -2.81 10.95
C LEU B 322 -15.32 -3.31 10.93
N TYR B 323 -15.19 -4.62 10.90
CA TYR B 323 -13.88 -5.26 10.90
C TYR B 323 -13.39 -5.52 9.47
N ARG B 324 -12.07 -5.47 9.26
CA ARG B 324 -11.45 -5.80 7.96
C ARG B 324 -10.05 -6.37 8.15
N GLY B 325 -9.60 -7.19 7.22
CA GLY B 325 -8.28 -7.79 7.32
C GLY B 325 -8.26 -9.17 7.92
N ILE B 326 -7.07 -9.59 8.33
CA ILE B 326 -6.86 -10.90 8.94
C ILE B 326 -7.77 -11.14 10.12
N MET B 327 -8.34 -12.35 10.18
CA MET B 327 -9.09 -12.81 11.36
C MET B 327 -8.38 -14.04 11.92
N GLU B 328 -7.57 -13.84 12.95
CA GLU B 328 -6.76 -14.96 13.46
C GLU B 328 -7.58 -15.95 14.28
N ASP B 329 -8.66 -15.47 14.89
CA ASP B 329 -9.37 -16.22 15.90
C ASP B 329 -10.80 -15.73 16.02
N LYS B 330 -11.65 -16.26 15.16
CA LYS B 330 -13.04 -15.83 15.07
C LYS B 330 -13.88 -16.24 16.32
N PRO B 331 -13.70 -17.44 16.85
CA PRO B 331 -14.39 -17.68 18.13
C PRO B 331 -14.06 -16.65 19.22
N LEU B 332 -12.79 -16.27 19.35
CA LEU B 332 -12.43 -15.22 20.31
C LEU B 332 -13.10 -13.86 20.03
N ALA B 333 -13.11 -13.44 18.77
CA ALA B 333 -13.70 -12.15 18.41
C ALA B 333 -15.22 -12.14 18.64
N ASP B 334 -15.88 -13.25 18.30
CA ASP B 334 -17.31 -13.37 18.55
C ASP B 334 -17.62 -13.36 20.05
N ALA B 335 -16.86 -14.13 20.81
CA ALA B 335 -16.99 -14.11 22.28
C ALA B 335 -16.81 -12.68 22.83
N ALA B 336 -15.85 -11.96 22.29
CA ALA B 336 -15.58 -10.62 22.78
C ALA B 336 -16.70 -9.66 22.43
N LEU B 337 -17.19 -9.71 21.20
CA LEU B 337 -18.24 -8.79 20.78
C LEU B 337 -19.56 -9.08 21.46
N ALA B 338 -19.84 -10.36 21.70
CA ALA B 338 -21.02 -10.76 22.43
C ALA B 338 -20.94 -10.17 23.82
N ALA B 339 -19.75 -10.21 24.43
CA ALA B 339 -19.56 -9.70 25.78
C ALA B 339 -19.74 -8.20 25.84
N MET B 340 -19.23 -7.50 24.81
CA MET B 340 -19.43 -6.06 24.72
C MET B 340 -20.90 -5.71 24.60
N ARG B 341 -21.59 -6.47 23.76
CA ARG B 341 -23.00 -6.31 23.49
C ARG B 341 -23.84 -6.38 24.77
N GLU B 342 -23.40 -7.17 25.73
CA GLU B 342 -24.11 -7.31 27.00
C GLU B 342 -23.58 -6.34 28.05
N LYS B 343 -22.56 -5.57 27.71
CA LYS B 343 -21.92 -4.65 28.66
C LYS B 343 -22.31 -3.20 28.39
N LEU B 344 -22.78 -2.92 27.18
CA LEU B 344 -23.05 -1.56 26.78
C LEU B 344 -24.24 -0.94 27.51
N PRO B 345 -24.14 0.34 27.90
CA PRO B 345 -25.28 1.05 28.44
C PRO B 345 -26.26 1.34 27.31
N LEU B 346 -27.51 0.93 27.51
CA LEU B 346 -28.52 0.99 26.45
C LEU B 346 -29.69 1.92 26.77
N THR B 347 -30.37 2.34 25.72
CA THR B 347 -31.64 3.07 25.80
C THR B 347 -32.75 2.07 26.06
N ILE B 350 -36.83 3.33 22.74
CA ILE B 350 -35.84 3.27 21.66
C ILE B 350 -35.06 1.95 21.73
N PRO B 351 -35.31 1.01 20.80
CA PRO B 351 -34.63 -0.28 20.83
C PRO B 351 -33.35 -0.24 20.01
N THR B 352 -32.36 -1.00 20.46
CA THR B 352 -31.01 -0.88 19.96
C THR B 352 -30.77 -1.82 18.78
N ALA B 353 -29.70 -1.55 18.05
CA ALA B 353 -29.16 -2.45 17.05
C ALA B 353 -27.65 -2.62 17.31
N PHE B 354 -27.14 -3.81 17.03
CA PHE B 354 -25.70 -4.08 17.15
C PHE B 354 -25.28 -4.86 15.91
N LYS B 355 -24.77 -4.15 14.90
CA LYS B 355 -24.44 -4.77 13.61
C LYS B 355 -22.92 -5.05 13.52
N ILE B 356 -22.54 -6.18 12.90
CA ILE B 356 -21.14 -6.56 12.73
C ILE B 356 -20.89 -6.75 11.25
N GLY B 357 -19.89 -6.06 10.71
CA GLY B 357 -19.53 -6.23 9.32
C GLY B 357 -18.15 -6.84 9.27
N TYR B 358 -17.86 -7.58 8.20
CA TYR B 358 -16.51 -8.12 7.98
C TYR B 358 -16.06 -7.93 6.51
N VAL B 359 -14.85 -7.41 6.33
CA VAL B 359 -14.27 -7.31 4.99
C VAL B 359 -12.92 -8.02 4.98
N GLU B 360 -12.73 -8.92 4.03
CA GLU B 360 -11.49 -9.69 3.96
C GLU B 360 -10.28 -8.80 3.72
N GLN B 361 -10.39 -7.90 2.75
CA GLN B 361 -9.30 -7.04 2.34
C GLN B 361 -8.81 -6.11 3.44
N PRO B 362 -7.53 -6.24 3.81
CA PRO B 362 -6.99 -5.28 4.75
C PRO B 362 -6.82 -3.90 4.07
N GLY B 363 -6.74 -2.84 4.86
CA GLY B 363 -6.24 -1.59 4.37
C GLY B 363 -4.74 -1.68 4.07
N ILE B 364 -4.15 -0.55 3.72
CA ILE B 364 -2.78 -0.49 3.28
C ILE B 364 -1.81 -0.39 4.45
N SER B 365 -2.28 0.05 5.62
CA SER B 365 -1.37 0.17 6.78
C SER B 365 -1.50 -0.83 7.93
N HIS B 366 -2.64 -1.49 8.07
CA HIS B 366 -2.80 -2.47 9.14
C HIS B 366 -3.21 -3.84 8.59
N ARG B 367 -2.60 -4.90 9.11
CA ARG B 367 -3.00 -6.26 8.78
C ARG B 367 -4.48 -6.52 9.13
N LYS B 368 -4.95 -5.91 10.20
CA LYS B 368 -6.36 -5.93 10.58
C LYS B 368 -6.69 -4.64 11.30
N SER B 369 -7.90 -4.14 11.13
CA SER B 369 -8.31 -2.90 11.75
C SER B 369 -9.81 -2.92 11.97
N MET B 370 -10.32 -2.03 12.82
CA MET B 370 -11.75 -1.94 13.09
C MET B 370 -12.18 -0.50 13.19
N VAL B 371 -13.39 -0.22 12.71
CA VAL B 371 -14.04 1.06 12.95
C VAL B 371 -15.34 0.79 13.75
N LEU B 372 -15.57 1.58 14.79
CA LEU B 372 -16.77 1.49 15.58
C LEU B 372 -17.56 2.74 15.22
N LEU B 373 -18.79 2.56 14.76
CA LEU B 373 -19.70 3.69 14.56
C LEU B 373 -20.78 3.53 15.59
N ALA B 374 -21.10 4.61 16.29
CA ALA B 374 -22.13 4.53 17.29
C ALA B 374 -23.04 5.75 17.24
N ASN B 375 -24.32 5.51 17.55
CA ASN B 375 -25.25 6.58 17.81
C ASN B 375 -25.32 6.54 19.33
N ASN B 376 -24.66 7.52 19.96
CA ASN B 376 -24.51 7.53 21.41
C ASN B 376 -24.91 8.88 21.99
N THR B 377 -25.44 8.93 23.21
CA THR B 377 -26.01 10.19 23.70
C THR B 377 -24.99 11.21 24.19
N GLU B 378 -23.75 10.78 24.36
CA GLU B 378 -22.69 11.68 24.83
C GLU B 378 -22.25 12.65 23.76
N ILE B 379 -22.81 12.51 22.56
CA ILE B 379 -22.54 13.47 21.49
C ILE B 379 -23.07 14.82 21.93
N ALA B 380 -24.09 14.78 22.79
CA ALA B 380 -24.60 15.96 23.47
C ALA B 380 -23.50 16.77 24.13
N ARG B 381 -22.47 16.11 24.67
CA ARG B 381 -21.36 16.84 25.32
C ARG B 381 -20.54 17.66 24.35
N VAL B 382 -20.16 17.04 23.25
CA VAL B 382 -19.45 17.73 22.18
C VAL B 382 -20.28 18.93 21.75
N LEU B 383 -21.56 18.69 21.45
CA LEU B 383 -22.45 19.74 20.98
C LEU B 383 -22.65 20.84 22.01
N ASP B 384 -22.66 20.47 23.29
CA ASP B 384 -22.82 21.40 24.39
C ASP B 384 -21.64 22.35 24.49
N ARG B 385 -20.44 21.78 24.40
CA ARG B 385 -19.19 22.54 24.35
C ARG B 385 -19.28 23.65 23.29
N ILE B 386 -19.76 23.28 22.09
CA ILE B 386 -19.92 24.24 20.99
C ILE B 386 -20.89 25.37 21.36
N CYS B 387 -22.08 24.99 21.80
CA CYS B 387 -23.13 25.97 22.12
C CYS B 387 -22.75 26.94 23.23
N HIS B 388 -22.00 26.45 24.22
CA HIS B 388 -21.46 27.32 25.26
C HIS B 388 -20.53 28.38 24.70
N ASN B 389 -19.74 28.02 23.69
CA ASN B 389 -18.86 29.00 23.06
C ASN B 389 -19.62 30.01 22.20
N PHE B 390 -20.56 29.53 21.40
CA PHE B 390 -21.50 30.37 20.65
C PHE B 390 -22.19 31.38 21.57
N ASP B 391 -22.81 30.89 22.65
CA ASP B 391 -23.51 31.75 23.60
C ASP B 391 -22.59 32.78 24.24
N LYS B 392 -21.32 32.41 24.45
CA LYS B 392 -20.33 33.30 25.07
C LYS B 392 -20.03 34.53 24.19
N LEU B 393 -20.08 34.31 22.88
CA LEU B 393 -19.88 35.39 21.91
C LEU B 393 -21.17 36.14 21.59
N TRP B 394 -22.28 35.41 21.50
CA TRP B 394 -23.56 35.98 21.07
C TRP B 394 -24.24 36.78 22.18
N GLN B 395 -23.97 36.40 23.43
CA GLN B 395 -24.41 37.15 24.60
C GLN B 395 -23.91 38.61 24.52
N ARG B 396 -22.70 38.79 23.98
CA ARG B 396 -22.12 40.13 23.80
C ARG B 396 -21.99 40.57 22.33
N LYS B 397 -22.58 39.80 21.41
CA LYS B 397 -22.59 40.10 19.96
C LYS B 397 -21.20 40.34 19.37
N ALA B 398 -20.26 39.42 19.62
CA ALA B 398 -18.85 39.60 19.28
C ALA B 398 -18.57 40.04 17.82
N PHE B 399 -18.76 39.12 16.88
CA PHE B 399 -18.53 39.44 15.47
C PHE B 399 -19.85 39.49 14.72
N ALA B 400 -20.92 39.82 15.45
CA ALA B 400 -22.30 39.80 14.95
C ALA B 400 -22.54 40.58 13.65
N ASN B 401 -21.90 41.74 13.50
CA ASN B 401 -22.07 42.54 12.29
C ASN B 401 -21.55 41.86 11.04
N TRP B 402 -20.49 41.05 11.20
CA TRP B 402 -19.98 40.14 10.16
C TRP B 402 -21.13 39.43 9.44
N TYR B 403 -22.03 38.85 10.23
CA TYR B 403 -23.14 38.04 9.71
C TYR B 403 -24.40 38.85 9.40
N LEU B 404 -24.60 39.94 10.14
CA LEU B 404 -25.76 40.79 9.93
C LEU B 404 -25.69 41.52 8.60
N ASN B 405 -24.50 42.03 8.26
CA ASN B 405 -24.28 42.79 7.03
C ASN B 405 -24.20 41.89 5.80
N GLU B 406 -24.48 40.61 6.01
CA GLU B 406 -24.27 39.59 5.00
C GLU B 406 -25.58 38.90 4.58
N GLY B 407 -26.69 39.33 5.17
CA GLY B 407 -28.01 38.85 4.75
C GLY B 407 -28.86 38.13 5.79
N MET B 408 -28.14 37.56 6.84
CA MET B 408 -28.87 36.95 7.96
C MET B 408 -29.51 38.02 8.83
N SER B 409 -30.69 37.69 9.39
CA SER B 409 -31.33 38.60 10.37
C SER B 409 -31.11 38.07 11.79
N GLU B 410 -31.05 38.99 12.75
CA GLU B 410 -30.74 38.69 14.16
C GLU B 410 -31.65 37.63 14.77
N GLU B 411 -32.94 37.72 14.46
CA GLU B 411 -33.93 36.79 14.98
C GLU B 411 -33.78 35.40 14.36
N GLN B 412 -33.35 35.33 13.09
CA GLN B 412 -33.20 34.06 12.39
C GLN B 412 -31.99 33.24 12.87
N ILE B 413 -30.98 33.91 13.42
CA ILE B 413 -29.86 33.19 14.02
C ILE B 413 -30.21 32.66 15.41
N ASN B 414 -31.16 33.34 16.07
CA ASN B 414 -31.77 32.84 17.31
C ASN B 414 -32.49 31.55 17.03
N VAL B 415 -33.16 31.49 15.88
CA VAL B 415 -33.88 30.30 15.42
C VAL B 415 -32.91 29.12 15.26
N LEU B 416 -31.73 29.40 14.71
CA LEU B 416 -30.71 28.38 14.49
C LEU B 416 -30.01 27.97 15.77
N ARG B 417 -29.91 28.90 16.73
CA ARG B 417 -29.35 28.55 18.03
C ARG B 417 -30.39 27.68 18.75
N ALA B 418 -31.66 28.01 18.59
CA ALA B 418 -32.76 27.21 19.14
C ALA B 418 -32.88 25.86 18.44
N SER B 419 -32.69 25.85 17.12
CA SER B 419 -32.72 24.61 16.35
C SER B 419 -31.70 23.60 16.83
N ALA B 420 -30.50 24.09 17.13
CA ALA B 420 -29.43 23.20 17.61
C ALA B 420 -29.73 22.75 19.02
N GLN B 421 -30.36 23.61 19.80
CA GLN B 421 -30.78 23.28 21.15
C GLN B 421 -31.82 22.16 21.17
N GLU B 422 -32.66 22.13 20.13
CA GLU B 422 -33.72 21.14 19.96
C GLU B 422 -33.11 19.76 19.69
N LEU B 423 -31.90 19.77 19.15
CA LEU B 423 -31.17 18.58 18.81
C LEU B 423 -30.40 18.07 20.02
N VAL B 424 -29.81 19.01 20.78
CA VAL B 424 -29.13 18.68 22.04
C VAL B 424 -30.12 18.17 23.12
N GLN B 425 -31.34 18.68 23.11
CA GLN B 425 -32.35 18.15 24.03
C GLN B 425 -32.85 16.76 23.61
N SER B 426 -32.90 16.50 22.31
CA SER B 426 -33.28 15.19 21.79
C SER B 426 -32.39 14.08 22.35
N TYR B 427 -31.08 14.33 22.38
CA TYR B 427 -30.11 13.33 22.83
C TYR B 427 -30.05 13.22 24.36
N GLN B 428 -30.35 14.32 25.05
CA GLN B 428 -30.45 14.28 26.50
C GLN B 428 -31.67 13.49 26.97
N VAL B 429 -32.76 13.58 26.21
CA VAL B 429 -34.01 12.87 26.49
C VAL B 429 -33.82 11.37 26.23
N ALA B 430 -33.08 11.05 25.18
CA ALA B 430 -32.77 9.66 24.83
C ALA B 430 -31.97 8.95 25.92
N GLU B 431 -31.20 9.71 26.70
CA GLU B 431 -30.37 9.15 27.78
C GLU B 431 -31.17 8.75 29.04
N GLU B 432 -32.12 9.59 29.45
CA GLU B 432 -32.87 9.34 30.67
C GLU B 432 -34.20 8.63 30.39
N ILE C 4 -17.02 -23.80 -27.87
CA ILE C 4 -15.53 -23.79 -27.71
C ILE C 4 -14.89 -23.22 -28.97
N ILE C 5 -14.27 -22.04 -28.84
CA ILE C 5 -13.64 -21.39 -30.01
C ILE C 5 -12.11 -21.56 -30.03
N HIS C 6 -11.61 -22.27 -31.04
CA HIS C 6 -10.18 -22.39 -31.27
C HIS C 6 -9.70 -21.26 -32.16
N LEU C 7 -8.49 -20.80 -31.91
CA LEU C 7 -7.92 -19.67 -32.64
C LEU C 7 -6.59 -20.04 -33.27
N THR C 8 -6.22 -19.33 -34.32
CA THR C 8 -4.86 -19.33 -34.84
C THR C 8 -4.31 -17.91 -34.70
N ASP C 9 -3.06 -17.70 -35.10
CA ASP C 9 -2.50 -16.34 -35.17
C ASP C 9 -3.20 -15.55 -36.27
N ASP C 10 -3.56 -16.23 -37.35
CA ASP C 10 -4.23 -15.62 -38.49
C ASP C 10 -5.66 -15.19 -38.15
N SER C 11 -6.32 -15.96 -37.30
CA SER C 11 -7.73 -15.68 -36.97
C SER C 11 -7.93 -14.76 -35.77
N PHE C 12 -6.87 -14.51 -35.01
CA PHE C 12 -6.96 -13.69 -33.79
C PHE C 12 -7.60 -12.33 -34.04
N ASP C 13 -7.11 -11.64 -35.07
CA ASP C 13 -7.61 -10.31 -35.42
C ASP C 13 -9.15 -10.27 -35.50
N THR C 14 -9.71 -11.06 -36.41
CA THR C 14 -11.17 -11.09 -36.62
C THR C 14 -11.91 -11.65 -35.41
N ASP C 15 -11.47 -12.82 -34.94
CA ASP C 15 -12.17 -13.53 -33.87
C ASP C 15 -12.12 -12.80 -32.52
N VAL C 16 -10.97 -12.22 -32.18
CA VAL C 16 -10.81 -11.55 -30.90
C VAL C 16 -10.93 -10.02 -30.96
N LEU C 17 -10.13 -9.39 -31.82
CA LEU C 17 -9.98 -7.92 -31.79
C LEU C 17 -11.11 -7.14 -32.48
N LYS C 18 -11.62 -7.68 -33.59
CA LYS C 18 -12.71 -7.04 -34.32
C LYS C 18 -14.07 -7.45 -33.75
N ALA C 19 -14.03 -8.28 -32.70
CA ALA C 19 -15.23 -8.87 -32.12
C ALA C 19 -16.08 -7.86 -31.36
N ASP C 20 -17.39 -7.98 -31.53
CA ASP C 20 -18.34 -7.25 -30.73
C ASP C 20 -18.54 -8.03 -29.43
N GLY C 21 -18.72 -7.32 -28.33
CA GLY C 21 -18.94 -7.96 -27.03
C GLY C 21 -17.69 -8.56 -26.41
N ALA C 22 -17.79 -8.89 -25.13
CA ALA C 22 -16.64 -9.36 -24.33
C ALA C 22 -16.19 -10.79 -24.69
N ILE C 23 -14.89 -11.04 -24.58
CA ILE C 23 -14.30 -12.33 -24.94
C ILE C 23 -13.12 -12.74 -24.04
N LEU C 24 -13.12 -14.00 -23.61
CA LEU C 24 -12.09 -14.53 -22.73
C LEU C 24 -11.21 -15.53 -23.46
N VAL C 25 -9.91 -15.24 -23.50
CA VAL C 25 -8.97 -16.08 -24.23
C VAL C 25 -8.07 -16.87 -23.30
N ASP C 26 -8.03 -18.18 -23.53
CA ASP C 26 -7.20 -19.08 -22.74
C ASP C 26 -5.96 -19.49 -23.55
N PHE C 27 -4.83 -18.85 -23.24
CA PHE C 27 -3.54 -19.26 -23.80
C PHE C 27 -3.07 -20.47 -23.03
N TRP C 28 -2.77 -21.56 -23.72
CA TRP C 28 -2.54 -22.85 -23.08
C TRP C 28 -1.66 -23.80 -23.90
N ALA C 29 -1.32 -24.94 -23.29
CA ALA C 29 -0.61 -26.03 -23.97
C ALA C 29 -0.98 -27.41 -23.40
N GLU C 30 -0.66 -28.46 -24.14
CA GLU C 30 -0.93 -29.83 -23.72
C GLU C 30 0.00 -30.27 -22.59
N TRP C 31 1.24 -29.79 -22.64
CA TRP C 31 2.27 -30.15 -21.66
C TRP C 31 2.21 -29.32 -20.38
N CYS C 32 1.15 -28.53 -20.24
CA CYS C 32 0.90 -27.71 -19.05
C CYS C 32 -0.14 -28.38 -18.16
N GLY C 33 0.30 -28.87 -17.01
CA GLY C 33 -0.58 -29.53 -16.04
C GLY C 33 -1.80 -28.68 -15.73
N PRO C 34 -1.59 -27.51 -15.12
CA PRO C 34 -2.65 -26.56 -14.75
C PRO C 34 -3.60 -26.13 -15.86
N CYS C 35 -3.17 -26.19 -17.12
CA CYS C 35 -4.04 -25.80 -18.24
C CYS C 35 -5.15 -26.82 -18.45
N LYS C 36 -4.80 -28.10 -18.32
CA LYS C 36 -5.78 -29.19 -18.42
C LYS C 36 -6.79 -29.13 -17.28
N MET C 37 -6.32 -28.66 -16.12
CA MET C 37 -7.11 -28.52 -14.90
C MET C 37 -8.36 -27.65 -15.10
N ILE C 38 -8.24 -26.61 -15.91
CA ILE C 38 -9.33 -25.63 -16.10
C ILE C 38 -10.13 -25.81 -17.40
N ALA C 39 -9.69 -26.73 -18.25
CA ALA C 39 -10.43 -27.07 -19.47
C ALA C 39 -11.90 -27.45 -19.19
N PRO C 40 -12.15 -28.35 -18.21
CA PRO C 40 -13.56 -28.61 -17.89
C PRO C 40 -14.26 -27.43 -17.21
N ILE C 41 -13.52 -26.59 -16.52
CA ILE C 41 -14.08 -25.40 -15.85
C ILE C 41 -14.57 -24.38 -16.88
N LEU C 42 -13.76 -24.15 -17.92
CA LEU C 42 -14.07 -23.14 -18.94
C LEU C 42 -15.35 -23.45 -19.73
N ASP C 43 -15.69 -24.73 -19.84
CA ASP C 43 -16.92 -25.16 -20.50
C ASP C 43 -18.18 -24.69 -19.78
N GLU C 44 -18.15 -24.70 -18.45
CA GLU C 44 -19.31 -24.28 -17.63
C GLU C 44 -19.63 -22.80 -17.81
N ILE C 45 -18.58 -21.99 -17.93
CA ILE C 45 -18.70 -20.55 -18.11
C ILE C 45 -19.23 -20.23 -19.52
N ALA C 46 -18.87 -21.05 -20.50
CA ALA C 46 -19.39 -20.94 -21.85
C ALA C 46 -20.91 -21.13 -21.91
N ASP C 47 -21.47 -21.78 -20.89
CA ASP C 47 -22.91 -21.96 -20.78
C ASP C 47 -23.56 -20.80 -20.01
N GLU C 48 -23.08 -20.57 -18.79
CA GLU C 48 -23.69 -19.61 -17.86
C GLU C 48 -23.52 -18.14 -18.24
N TYR C 49 -22.64 -17.86 -19.19
CA TYR C 49 -22.43 -16.49 -19.65
C TYR C 49 -22.78 -16.34 -21.14
N GLN C 50 -23.86 -17.02 -21.55
CA GLN C 50 -24.35 -16.98 -22.93
C GLN C 50 -24.77 -15.56 -23.31
N GLY C 51 -24.28 -15.08 -24.43
CA GLY C 51 -24.54 -13.70 -24.87
C GLY C 51 -23.66 -12.68 -24.14
N LYS C 52 -23.48 -12.89 -22.84
CA LYS C 52 -22.65 -12.01 -21.99
C LYS C 52 -21.14 -12.16 -22.23
N LEU C 53 -20.74 -13.33 -22.73
CA LEU C 53 -19.34 -13.65 -22.97
C LEU C 53 -19.16 -14.75 -24.01
N THR C 54 -18.09 -14.66 -24.78
CA THR C 54 -17.66 -15.74 -25.65
C THR C 54 -16.26 -16.21 -25.20
N VAL C 55 -16.06 -17.54 -25.17
CA VAL C 55 -14.84 -18.14 -24.62
C VAL C 55 -13.96 -18.77 -25.71
N ALA C 56 -12.73 -18.27 -25.84
CA ALA C 56 -11.81 -18.70 -26.88
C ALA C 56 -10.51 -19.30 -26.36
N LYS C 57 -9.91 -20.18 -27.14
CA LYS C 57 -8.68 -20.87 -26.76
C LYS C 57 -7.63 -20.77 -27.87
N LEU C 58 -6.39 -20.54 -27.45
CA LEU C 58 -5.26 -20.44 -28.35
C LEU C 58 -4.10 -21.30 -27.83
N ASN C 59 -3.74 -22.32 -28.60
CA ASN C 59 -2.67 -23.24 -28.20
C ASN C 59 -1.31 -22.69 -28.62
N ILE C 60 -0.51 -22.26 -27.63
CA ILE C 60 0.70 -21.48 -27.90
C ILE C 60 1.83 -22.21 -28.64
N ASP C 61 1.80 -23.54 -28.66
CA ASP C 61 2.77 -24.32 -29.40
C ASP C 61 2.59 -24.17 -30.91
N GLN C 62 1.36 -24.42 -31.36
CA GLN C 62 1.03 -24.37 -32.79
C GLN C 62 0.73 -22.96 -33.31
N ASN C 63 0.70 -22.00 -32.39
CA ASN C 63 0.53 -20.59 -32.72
C ASN C 63 1.43 -19.69 -31.86
N PRO C 64 2.77 -19.74 -32.07
CA PRO C 64 3.71 -19.06 -31.18
C PRO C 64 3.73 -17.54 -31.29
N GLY C 65 3.01 -17.00 -32.26
CA GLY C 65 3.07 -15.57 -32.59
C GLY C 65 2.29 -14.60 -31.71
N THR C 66 1.23 -15.04 -31.06
CA THR C 66 0.31 -14.12 -30.37
C THR C 66 0.68 -13.76 -28.93
N ALA C 67 1.00 -14.75 -28.10
CA ALA C 67 1.28 -14.51 -26.69
C ALA C 67 2.36 -13.45 -26.40
N PRO C 68 3.52 -13.52 -27.10
CA PRO C 68 4.55 -12.49 -26.91
C PRO C 68 4.07 -11.05 -27.10
N LYS C 69 3.06 -10.86 -27.96
CA LYS C 69 2.50 -9.52 -28.20
C LYS C 69 1.76 -8.96 -26.98
N TYR C 70 1.30 -9.85 -26.11
CA TYR C 70 0.49 -9.45 -24.96
C TYR C 70 1.22 -9.51 -23.62
N GLY C 71 2.53 -9.80 -23.65
CA GLY C 71 3.35 -9.89 -22.44
C GLY C 71 2.95 -11.02 -21.49
N ILE C 72 2.64 -12.18 -22.05
CA ILE C 72 2.29 -13.39 -21.30
C ILE C 72 3.52 -13.95 -20.59
N ARG C 73 3.38 -14.19 -19.29
CA ARG C 73 4.49 -14.63 -18.43
C ARG C 73 4.49 -16.14 -18.22
N GLY C 74 3.43 -16.79 -18.67
CA GLY C 74 3.28 -18.21 -18.50
C GLY C 74 1.87 -18.67 -18.80
N ILE C 75 1.60 -19.94 -18.54
CA ILE C 75 0.31 -20.53 -18.87
C ILE C 75 -0.21 -21.36 -17.71
N PRO C 76 -1.54 -21.47 -17.56
CA PRO C 76 -2.54 -20.81 -18.39
C PRO C 76 -2.68 -19.30 -18.11
N THR C 77 -2.96 -18.53 -19.15
CA THR C 77 -3.29 -17.11 -19.00
C THR C 77 -4.66 -16.83 -19.61
N LEU C 78 -5.56 -16.33 -18.77
CA LEU C 78 -6.87 -15.90 -19.24
C LEU C 78 -6.81 -14.41 -19.50
N LEU C 79 -7.18 -14.02 -20.71
CA LEU C 79 -7.28 -12.62 -21.07
C LEU C 79 -8.72 -12.24 -21.43
N LEU C 80 -9.23 -11.19 -20.78
CA LEU C 80 -10.54 -10.66 -21.10
C LEU C 80 -10.40 -9.50 -22.07
N PHE C 81 -11.02 -9.64 -23.25
CA PHE C 81 -11.05 -8.60 -24.28
C PHE C 81 -12.45 -8.02 -24.39
N LYS C 82 -12.55 -6.73 -24.70
CA LYS C 82 -13.88 -6.10 -24.89
C LYS C 82 -14.05 -5.67 -26.36
N ASN C 83 -13.36 -4.61 -26.75
CA ASN C 83 -13.18 -4.31 -28.15
C ASN C 83 -11.92 -5.06 -28.58
N GLY C 84 -10.91 -4.32 -29.03
CA GLY C 84 -9.61 -4.92 -29.29
C GLY C 84 -8.65 -4.69 -28.12
N GLU C 85 -9.20 -4.69 -26.91
CA GLU C 85 -8.44 -4.31 -25.72
C GLU C 85 -8.56 -5.32 -24.56
N VAL C 86 -7.41 -5.56 -23.91
CA VAL C 86 -7.33 -6.43 -22.74
C VAL C 86 -7.93 -5.75 -21.50
N ALA C 87 -9.08 -6.24 -21.05
CA ALA C 87 -9.78 -5.67 -19.90
C ALA C 87 -9.13 -6.12 -18.60
N ALA C 88 -8.96 -7.42 -18.44
CA ALA C 88 -8.31 -7.98 -17.27
C ALA C 88 -7.53 -9.23 -17.59
N THR C 89 -6.75 -9.69 -16.62
CA THR C 89 -5.84 -10.82 -16.79
C THR C 89 -5.89 -11.74 -15.58
N LYS C 90 -6.00 -13.04 -15.84
CA LYS C 90 -5.87 -14.07 -14.81
C LYS C 90 -4.78 -15.06 -15.23
N VAL C 91 -3.77 -15.20 -14.38
CA VAL C 91 -2.68 -16.14 -14.60
C VAL C 91 -2.87 -17.33 -13.65
N GLY C 92 -2.76 -18.53 -14.18
CA GLY C 92 -2.78 -19.75 -13.36
C GLY C 92 -4.16 -20.35 -13.20
N ALA C 93 -4.18 -21.63 -12.84
CA ALA C 93 -5.41 -22.38 -12.70
C ALA C 93 -6.13 -21.94 -11.43
N LEU C 94 -7.46 -21.94 -11.48
CA LEU C 94 -8.25 -21.39 -10.39
C LEU C 94 -9.58 -22.11 -10.24
N SER C 95 -10.26 -21.83 -9.13
CA SER C 95 -11.61 -22.34 -8.87
C SER C 95 -12.62 -21.80 -9.88
N LYS C 96 -13.72 -22.53 -10.06
CA LYS C 96 -14.80 -22.05 -10.91
C LYS C 96 -15.52 -20.87 -10.26
N GLY C 97 -15.28 -20.67 -8.96
CA GLY C 97 -15.88 -19.59 -8.19
C GLY C 97 -15.09 -18.29 -8.21
N GLN C 98 -13.77 -18.39 -8.04
CA GLN C 98 -12.88 -17.23 -8.17
C GLN C 98 -12.89 -16.67 -9.60
N LEU C 99 -13.07 -17.56 -10.57
CA LEU C 99 -13.19 -17.16 -11.97
C LEU C 99 -14.44 -16.31 -12.19
N LYS C 100 -15.52 -16.66 -11.52
CA LYS C 100 -16.78 -15.94 -11.65
C LYS C 100 -16.70 -14.55 -11.05
N GLU C 101 -16.17 -14.45 -9.84
CA GLU C 101 -16.01 -13.17 -9.15
C GLU C 101 -15.13 -12.24 -9.99
N PHE C 102 -14.16 -12.83 -10.66
CA PHE C 102 -13.33 -12.12 -11.64
C PHE C 102 -14.14 -11.62 -12.84
N LEU C 103 -15.06 -12.45 -13.32
CA LEU C 103 -15.91 -12.08 -14.47
C LEU C 103 -17.02 -11.12 -14.09
N ASP C 104 -17.54 -11.25 -12.86
CA ASP C 104 -18.62 -10.40 -12.35
C ASP C 104 -18.22 -8.93 -12.26
N ALA C 105 -17.01 -8.68 -11.79
CA ALA C 105 -16.51 -7.33 -11.55
C ALA C 105 -16.10 -6.58 -12.81
N ASN C 106 -15.75 -7.30 -13.86
CA ASN C 106 -15.32 -6.66 -15.13
C ASN C 106 -16.22 -6.99 -16.31
PG GTP D . 8.51 -7.12 -15.23
O1G GTP D . 7.94 -6.01 -16.07
O2G GTP D . 7.32 -7.97 -14.81
O3G GTP D . 9.41 -8.03 -15.99
O3B GTP D . 9.24 -6.47 -13.92
PB GTP D . 9.98 -7.30 -12.76
O1B GTP D . 10.97 -6.57 -11.94
O2B GTP D . 10.81 -8.32 -13.46
O3A GTP D . 8.87 -8.06 -11.91
PA GTP D . 9.11 -8.46 -10.35
O1A GTP D . 7.77 -8.35 -9.65
O2A GTP D . 10.13 -7.55 -9.67
O5' GTP D . 9.55 -10.02 -10.39
C5' GTP D . 8.62 -11.09 -10.24
C4' GTP D . 9.05 -12.07 -9.15
O4' GTP D . 9.27 -11.44 -7.88
C3' GTP D . 7.98 -13.12 -8.89
O3' GTP D . 8.60 -14.35 -8.62
C2' GTP D . 7.22 -12.64 -7.65
O2' GTP D . 6.89 -13.72 -6.82
C1' GTP D . 8.26 -11.79 -6.94
N9 GTP D . 7.80 -10.52 -6.36
C8 GTP D . 7.06 -9.51 -6.96
N7 GTP D . 6.94 -8.49 -6.06
C5 GTP D . 7.60 -8.83 -4.94
C6 GTP D . 7.82 -8.18 -3.73
O6 GTP D . 7.36 -7.05 -3.53
N1 GTP D . 8.55 -8.82 -2.73
C2 GTP D . 9.08 -10.08 -2.94
N2 GTP D . 9.77 -10.65 -1.97
N3 GTP D . 8.87 -10.71 -4.14
C4 GTP D . 8.15 -10.11 -5.12
PG GTP E . -13.16 29.55 4.33
O1G GTP E . -14.66 29.65 4.38
O2G GTP E . -12.69 30.34 3.13
O3G GTP E . -12.50 30.02 5.60
O3B GTP E . -12.75 28.00 4.06
PB GTP E . -13.32 26.65 4.75
O1B GTP E . -12.73 25.52 3.98
O2B GTP E . -14.82 26.54 4.67
O3A GTP E . -12.69 26.65 6.23
PA GTP E . -11.99 25.33 6.84
O1A GTP E . -10.50 25.48 6.92
O2A GTP E . -12.40 24.12 6.01
O5' GTP E . -12.58 25.23 8.36
C5' GTP E . -11.80 25.60 9.49
C4' GTP E . -11.81 24.49 10.53
O4' GTP E . -11.33 23.28 9.98
C3' GTP E . -10.88 24.77 11.71
O3' GTP E . -11.47 24.21 12.86
C2' GTP E . -9.60 24.04 11.38
O2' GTP E . -8.90 23.66 12.54
C1' GTP E . -10.15 22.84 10.64
N9 GTP E . -9.30 22.27 9.58
C8 GTP E . -8.78 22.89 8.48
N7 GTP E . -8.10 21.99 7.73
C5 GTP E . -8.18 20.78 8.34
C6 GTP E . -7.68 19.52 8.02
O6 GTP E . -7.01 19.35 7.00
N1 GTP E . -7.94 18.45 8.85
C2 GTP E . -8.70 18.62 10.00
N2 GTP E . -8.95 17.61 10.81
N3 GTP E . -9.21 19.88 10.32
C4 GTP E . -8.95 20.94 9.50
#